data_3BL5
#
_entry.id   3BL5
#
_cell.length_a   172.057
_cell.length_b   75.542
_cell.length_c   131.023
_cell.angle_alpha   90.00
_cell.angle_beta   94.73
_cell.angle_gamma   90.00
#
_symmetry.space_group_name_H-M   'C 1 2 1'
#
loop_
_entity.id
_entity.type
_entity.pdbx_description
1 polymer 'Queuosine biosynthesis protein queC'
2 non-polymer 'ZINC ION'
3 non-polymer 'MAGNESIUM ION'
4 non-polymer 'PHOSPHATE ION'
5 water water
#
_entity_poly.entity_id   1
_entity_poly.type   'polypeptide(L)'
_entity_poly.pdbx_seq_one_letter_code
;MKKEKAIVVFSGGQDSTTCLLWALKEFEEVETVTFHYNQRHSQEVEVAKSIAEKLGVKNHLLDMSLLNQLAPNALTRNDI
EIEVKDGELPSTFVPGRNLVFLSFASILAYQIGARHIITGVCETDFSGYPDCRDEFVKSCNVTVNLAMEKPFVIHTPLMW
LNKAETWKLADELGALDFVKNNTLTCYNGIIADGCGECPACHLRSKGYEEYMVMKGERA
;
_entity_poly.pdbx_strand_id   A,B,C,D,E,F
#
loop_
_chem_comp.id
_chem_comp.type
_chem_comp.name
_chem_comp.formula
MG non-polymer 'MAGNESIUM ION' 'Mg 2'
PO4 non-polymer 'PHOSPHATE ION' 'O4 P -3'
ZN non-polymer 'ZINC ION' 'Zn 2'
#
# COMPACT_ATOMS: atom_id res chain seq x y z
N LYS A 3 0.97 41.28 -14.57
CA LYS A 3 0.15 41.96 -15.62
C LYS A 3 -0.52 40.97 -16.60
N GLU A 4 -1.53 40.24 -16.09
CA GLU A 4 -2.31 39.24 -16.85
C GLU A 4 -3.82 39.55 -16.64
N LYS A 5 -4.66 38.51 -16.58
CA LYS A 5 -6.10 38.71 -16.39
C LYS A 5 -6.55 38.38 -14.96
N ALA A 6 -7.35 39.25 -14.35
CA ALA A 6 -7.81 39.00 -12.99
C ALA A 6 -9.30 39.18 -12.73
N ILE A 7 -9.87 38.32 -11.89
CA ILE A 7 -11.27 38.40 -11.53
C ILE A 7 -11.38 38.79 -10.06
N VAL A 8 -12.05 39.90 -9.77
CA VAL A 8 -12.21 40.32 -8.40
C VAL A 8 -13.60 40.01 -7.84
N VAL A 9 -13.66 39.28 -6.73
CA VAL A 9 -14.95 38.99 -6.11
C VAL A 9 -15.36 40.33 -5.56
N PHE A 10 -16.22 41.01 -6.31
CA PHE A 10 -16.66 42.36 -5.97
C PHE A 10 -18.06 42.49 -5.38
N SER A 11 -18.18 43.34 -4.36
CA SER A 11 -19.46 43.56 -3.71
C SER A 11 -19.86 45.02 -3.53
N GLY A 12 -18.89 45.94 -3.69
CA GLY A 12 -19.19 47.35 -3.55
C GLY A 12 -18.94 47.92 -2.16
N GLY A 13 -18.40 47.08 -1.28
CA GLY A 13 -18.09 47.53 0.06
C GLY A 13 -16.71 48.14 0.07
N GLN A 14 -16.35 48.79 1.18
CA GLN A 14 -15.04 49.42 1.31
C GLN A 14 -13.92 48.45 0.94
N ASP A 15 -14.02 47.23 1.44
CA ASP A 15 -13.03 46.19 1.21
C ASP A 15 -12.89 45.63 -0.21
N SER A 16 -13.96 45.11 -0.79
CA SER A 16 -13.84 44.57 -2.14
C SER A 16 -13.46 45.66 -3.11
N THR A 17 -13.96 46.87 -2.88
CA THR A 17 -13.66 48.00 -3.76
C THR A 17 -12.17 48.29 -3.72
N THR A 18 -11.60 48.35 -2.50
CA THR A 18 -10.18 48.62 -2.34
C THR A 18 -9.40 47.53 -3.06
N CYS A 19 -9.87 46.29 -2.97
CA CYS A 19 -9.22 45.17 -3.62
C CYS A 19 -9.22 45.33 -5.12
N LEU A 20 -10.33 45.82 -5.68
CA LEU A 20 -10.46 46.05 -7.12
C LEU A 20 -9.47 47.13 -7.55
N LEU A 21 -9.50 48.25 -6.84
CA LEU A 21 -8.58 49.35 -7.12
C LEU A 21 -7.18 48.77 -7.10
N TRP A 22 -6.90 47.98 -6.07
CA TRP A 22 -5.61 47.35 -5.93
C TRP A 22 -5.29 46.49 -7.16
N ALA A 23 -6.19 45.57 -7.47
CA ALA A 23 -6.03 44.66 -8.58
C ALA A 23 -5.83 45.40 -9.90
N LEU A 24 -6.51 46.53 -10.05
CA LEU A 24 -6.42 47.30 -11.27
C LEU A 24 -5.00 47.74 -11.57
N LYS A 25 -4.23 48.02 -10.52
CA LYS A 25 -2.84 48.43 -10.64
C LYS A 25 -1.88 47.27 -10.79
N GLU A 26 -2.30 46.09 -10.35
CA GLU A 26 -1.43 44.92 -10.44
C GLU A 26 -1.53 44.17 -11.76
N PHE A 27 -2.71 44.19 -12.38
CA PHE A 27 -2.88 43.46 -13.63
C PHE A 27 -3.37 44.24 -14.83
N GLU A 28 -3.17 43.66 -16.02
CA GLU A 28 -3.59 44.23 -17.28
C GLU A 28 -5.10 44.20 -17.46
N GLU A 29 -5.67 43.00 -17.36
CA GLU A 29 -7.11 42.79 -17.50
C GLU A 29 -7.72 42.52 -16.13
N VAL A 30 -8.85 43.15 -15.84
CA VAL A 30 -9.50 42.94 -14.56
C VAL A 30 -11.03 42.95 -14.68
N GLU A 31 -11.67 41.84 -14.36
CA GLU A 31 -13.13 41.76 -14.42
C GLU A 31 -13.65 41.48 -13.02
N THR A 32 -14.89 41.85 -12.74
CA THR A 32 -15.48 41.62 -11.42
C THR A 32 -16.64 40.65 -11.39
N VAL A 33 -16.96 40.17 -10.20
CA VAL A 33 -18.06 39.23 -9.99
C VAL A 33 -18.81 39.69 -8.78
N THR A 34 -20.13 39.75 -8.89
CA THR A 34 -20.93 40.15 -7.75
C THR A 34 -21.96 39.06 -7.51
N PHE A 35 -22.04 38.61 -6.26
CA PHE A 35 -22.95 37.56 -5.86
C PHE A 35 -24.15 38.18 -5.18
N HIS A 36 -25.33 37.71 -5.56
CA HIS A 36 -26.56 38.21 -4.99
C HIS A 36 -27.42 36.97 -4.76
N TYR A 37 -28.34 37.08 -3.81
CA TYR A 37 -29.25 35.98 -3.50
C TYR A 37 -30.61 36.26 -4.14
N ASN A 38 -30.60 36.38 -5.45
CA ASN A 38 -31.78 36.70 -6.25
C ASN A 38 -32.29 38.10 -5.94
N GLN A 39 -31.46 39.10 -6.27
CA GLN A 39 -31.81 40.49 -6.02
C GLN A 39 -31.09 41.51 -6.91
N ARG A 40 -31.28 41.39 -8.22
CA ARG A 40 -30.67 42.32 -9.17
C ARG A 40 -30.98 43.77 -8.76
N HIS A 41 -32.09 43.95 -8.04
CA HIS A 41 -32.51 45.26 -7.61
C HIS A 41 -31.89 45.78 -6.31
N SER A 42 -31.26 44.90 -5.54
CA SER A 42 -30.64 45.30 -4.28
C SER A 42 -29.79 46.55 -4.43
N GLN A 43 -29.71 47.37 -3.39
CA GLN A 43 -28.91 48.59 -3.48
C GLN A 43 -27.44 48.19 -3.53
N GLU A 44 -27.10 47.10 -2.86
CA GLU A 44 -25.72 46.62 -2.85
C GLU A 44 -25.29 46.22 -4.25
N VAL A 45 -26.12 45.42 -4.91
CA VAL A 45 -25.77 44.97 -6.25
C VAL A 45 -25.79 46.13 -7.23
N GLU A 46 -26.58 47.15 -6.93
CA GLU A 46 -26.64 48.29 -7.82
C GLU A 46 -25.42 49.17 -7.62
N VAL A 47 -25.17 49.61 -6.39
CA VAL A 47 -24.01 50.43 -6.11
C VAL A 47 -22.79 49.79 -6.76
N ALA A 48 -22.60 48.49 -6.53
CA ALA A 48 -21.49 47.74 -7.10
C ALA A 48 -21.41 47.91 -8.61
N LYS A 49 -22.55 47.75 -9.29
CA LYS A 49 -22.56 47.91 -10.74
C LYS A 49 -22.21 49.36 -11.12
N SER A 50 -22.61 50.31 -10.29
CA SER A 50 -22.31 51.70 -10.53
C SER A 50 -20.81 51.89 -10.43
N ILE A 51 -20.32 51.58 -9.23
CA ILE A 51 -18.92 51.69 -8.89
C ILE A 51 -18.05 50.95 -9.90
N ALA A 52 -18.56 49.86 -10.46
CA ALA A 52 -17.82 49.11 -11.46
C ALA A 52 -17.71 49.99 -12.71
N GLU A 53 -18.86 50.46 -13.20
CA GLU A 53 -18.91 51.32 -14.38
C GLU A 53 -17.86 52.42 -14.26
N LYS A 54 -18.02 53.21 -13.20
CA LYS A 54 -17.14 54.32 -12.87
C LYS A 54 -15.69 54.02 -13.19
N LEU A 55 -15.30 52.73 -13.15
CA LEU A 55 -13.93 52.38 -13.47
C LEU A 55 -13.69 51.25 -14.47
N GLY A 56 -14.44 51.28 -15.59
CA GLY A 56 -14.28 50.26 -16.60
C GLY A 56 -14.64 48.93 -15.99
N VAL A 57 -13.87 47.89 -16.30
CA VAL A 57 -14.10 46.55 -15.75
C VAL A 57 -15.50 45.98 -15.93
N LYS A 58 -15.58 44.82 -16.60
CA LYS A 58 -16.87 44.18 -16.80
C LYS A 58 -17.30 43.64 -15.44
N ASN A 59 -18.59 43.49 -15.24
CA ASN A 59 -19.07 42.93 -14.00
C ASN A 59 -19.94 41.77 -14.38
N HIS A 60 -19.92 40.71 -13.58
CA HIS A 60 -20.74 39.56 -13.86
C HIS A 60 -21.55 39.34 -12.60
N LEU A 61 -22.86 39.16 -12.75
CA LEU A 61 -23.71 38.90 -11.59
C LEU A 61 -23.93 37.41 -11.53
N LEU A 62 -24.04 36.88 -10.32
CA LEU A 62 -24.29 35.47 -10.13
C LEU A 62 -25.28 35.30 -8.99
N ASP A 63 -26.34 34.53 -9.22
CA ASP A 63 -27.34 34.32 -8.19
C ASP A 63 -26.89 33.15 -7.37
N MET A 64 -26.82 33.33 -6.05
CA MET A 64 -26.39 32.24 -5.17
C MET A 64 -27.51 31.86 -4.22
N SER A 65 -28.75 31.94 -4.68
CA SER A 65 -29.87 31.61 -3.83
C SER A 65 -30.04 30.10 -3.67
N LEU A 66 -29.50 29.35 -4.62
CA LEU A 66 -29.58 27.88 -4.54
C LEU A 66 -28.86 27.44 -3.27
N LEU A 67 -27.89 28.23 -2.86
CA LEU A 67 -27.11 27.92 -1.67
C LEU A 67 -28.01 27.87 -0.45
N ASN A 68 -29.13 28.57 -0.51
CA ASN A 68 -30.04 28.60 0.62
C ASN A 68 -30.83 27.33 0.83
N GLN A 69 -30.62 26.35 -0.04
CA GLN A 69 -31.28 25.06 0.09
C GLN A 69 -30.67 24.43 1.33
N LEU A 70 -29.38 24.72 1.51
CA LEU A 70 -28.62 24.19 2.63
C LEU A 70 -28.92 24.87 3.96
N ALA A 71 -29.77 25.89 3.92
CA ALA A 71 -30.14 26.62 5.14
C ALA A 71 -31.01 25.70 6.01
N PRO A 72 -30.83 25.76 7.33
CA PRO A 72 -31.60 24.93 8.29
C PRO A 72 -33.12 24.86 8.02
N ASN A 73 -33.74 26.04 7.88
CA ASN A 73 -35.18 26.14 7.62
C ASN A 73 -35.61 25.42 6.35
N ALA A 74 -34.79 25.54 5.30
CA ALA A 74 -35.07 24.91 4.01
C ALA A 74 -34.99 23.38 4.09
N LEU A 75 -34.22 22.89 5.07
CA LEU A 75 -34.05 21.46 5.25
C LEU A 75 -35.21 20.86 6.05
N THR A 76 -36.36 21.54 5.98
CA THR A 76 -37.56 21.11 6.69
C THR A 76 -38.79 21.90 6.24
N SER A 91 -33.19 29.17 11.78
CA SER A 91 -31.80 29.55 11.53
C SER A 91 -31.56 29.61 10.01
N THR A 92 -30.84 30.65 9.57
CA THR A 92 -30.55 30.85 8.15
C THR A 92 -29.06 30.75 7.81
N PHE A 93 -28.24 30.41 8.82
CA PHE A 93 -26.81 30.29 8.60
C PHE A 93 -26.40 29.06 7.79
N VAL A 94 -25.54 29.28 6.81
CA VAL A 94 -25.01 28.20 5.99
C VAL A 94 -23.50 28.30 6.14
N PRO A 95 -22.88 27.23 6.63
CA PRO A 95 -21.42 27.18 6.83
C PRO A 95 -20.61 27.11 5.53
N GLY A 96 -19.39 27.61 5.61
CA GLY A 96 -18.50 27.60 4.47
C GLY A 96 -19.07 28.18 3.20
N ARG A 97 -19.93 29.20 3.31
CA ARG A 97 -20.48 29.79 2.10
C ARG A 97 -19.39 30.48 1.30
N ASN A 98 -18.22 30.61 1.92
CA ASN A 98 -17.10 31.25 1.24
C ASN A 98 -16.37 30.24 0.37
N LEU A 99 -16.60 28.96 0.65
CA LEU A 99 -16.00 27.88 -0.12
C LEU A 99 -16.65 27.96 -1.50
N VAL A 100 -17.98 28.02 -1.49
CA VAL A 100 -18.75 28.09 -2.72
C VAL A 100 -18.40 29.32 -3.52
N PHE A 101 -18.32 30.48 -2.86
CA PHE A 101 -17.98 31.71 -3.58
C PHE A 101 -16.66 31.58 -4.31
N LEU A 102 -15.61 31.23 -3.59
CA LEU A 102 -14.32 31.09 -4.24
C LEU A 102 -14.39 29.97 -5.27
N SER A 103 -15.16 28.92 -4.98
CA SER A 103 -15.30 27.83 -5.93
C SER A 103 -15.86 28.34 -7.24
N PHE A 104 -16.98 29.06 -7.16
CA PHE A 104 -17.62 29.61 -8.35
C PHE A 104 -16.70 30.62 -9.01
N ALA A 105 -16.20 31.59 -8.24
CA ALA A 105 -15.31 32.61 -8.77
C ALA A 105 -14.17 32.00 -9.59
N SER A 106 -13.72 30.82 -9.19
CA SER A 106 -12.64 30.13 -9.90
C SER A 106 -13.12 29.39 -11.16
N ILE A 107 -14.39 28.97 -11.14
CA ILE A 107 -14.98 28.30 -12.29
C ILE A 107 -15.11 29.43 -13.32
N LEU A 108 -15.52 30.59 -12.84
CA LEU A 108 -15.70 31.74 -13.70
C LEU A 108 -14.34 32.16 -14.26
N ALA A 109 -13.38 32.37 -13.38
CA ALA A 109 -12.03 32.76 -13.81
C ALA A 109 -11.58 31.83 -14.92
N TYR A 110 -11.88 30.54 -14.77
CA TYR A 110 -11.51 29.57 -15.77
C TYR A 110 -12.08 29.95 -17.14
N GLN A 111 -13.40 30.04 -17.24
CA GLN A 111 -14.08 30.39 -18.48
C GLN A 111 -13.59 31.71 -19.04
N ILE A 112 -13.64 32.75 -18.22
CA ILE A 112 -13.24 34.09 -18.63
C ILE A 112 -11.73 34.21 -18.88
N GLY A 113 -10.97 33.14 -18.61
CA GLY A 113 -9.53 33.14 -18.83
C GLY A 113 -8.62 33.85 -17.85
N ALA A 114 -9.06 34.08 -16.63
CA ALA A 114 -8.22 34.76 -15.65
C ALA A 114 -7.42 33.73 -14.83
N ARG A 115 -6.24 34.14 -14.39
CA ARG A 115 -5.42 33.26 -13.60
C ARG A 115 -5.47 33.71 -12.15
N HIS A 116 -5.74 35.00 -11.98
CA HIS A 116 -5.80 35.61 -10.66
C HIS A 116 -7.22 35.82 -10.13
N ILE A 117 -7.40 35.51 -8.84
CA ILE A 117 -8.68 35.65 -8.20
C ILE A 117 -8.51 36.51 -6.97
N ILE A 118 -8.89 37.78 -7.04
CA ILE A 118 -8.74 38.65 -5.89
C ILE A 118 -9.99 38.59 -5.03
N THR A 119 -9.81 38.61 -3.72
CA THR A 119 -10.92 38.56 -2.77
C THR A 119 -10.57 39.39 -1.53
N GLY A 120 -11.57 40.01 -0.93
CA GLY A 120 -11.32 40.84 0.24
C GLY A 120 -11.30 40.16 1.60
N VAL A 121 -11.45 38.84 1.63
CA VAL A 121 -11.45 38.10 2.90
C VAL A 121 -10.25 38.48 3.80
N CYS A 122 -10.40 38.31 5.12
CA CYS A 122 -9.29 38.64 6.01
C CYS A 122 -9.49 38.41 7.52
N GLU A 123 -8.86 37.36 8.03
CA GLU A 123 -8.93 37.01 9.44
C GLU A 123 -8.27 38.10 10.28
N GLY A 128 -12.32 34.94 13.26
CA GLY A 128 -13.77 34.99 13.08
C GLY A 128 -14.33 33.73 12.44
N TYR A 129 -14.69 33.82 11.17
CA TYR A 129 -15.21 32.65 10.46
C TYR A 129 -14.05 31.81 9.95
N PRO A 130 -14.15 30.49 10.09
CA PRO A 130 -13.08 29.61 9.63
C PRO A 130 -12.74 29.70 8.14
N ASP A 131 -13.74 29.97 7.31
CA ASP A 131 -13.55 30.06 5.86
C ASP A 131 -13.15 31.45 5.37
N CYS A 132 -12.60 32.24 6.28
CA CYS A 132 -12.11 33.58 5.97
C CYS A 132 -10.66 33.64 6.43
N ARG A 133 -10.22 32.54 7.05
CA ARG A 133 -8.86 32.41 7.56
C ARG A 133 -7.92 32.10 6.43
N ASP A 134 -6.70 32.61 6.56
CA ASP A 134 -5.64 32.48 5.57
C ASP A 134 -5.28 31.06 5.11
N GLU A 135 -5.31 30.09 6.00
CA GLU A 135 -4.96 28.72 5.59
C GLU A 135 -6.05 28.11 4.76
N PHE A 136 -7.29 28.54 4.98
CA PHE A 136 -8.41 28.01 4.19
C PHE A 136 -8.31 28.56 2.77
N VAL A 137 -7.98 29.82 2.63
CA VAL A 137 -7.89 30.36 1.28
C VAL A 137 -6.77 29.66 0.54
N LYS A 138 -5.73 29.25 1.27
CA LYS A 138 -4.59 28.57 0.68
C LYS A 138 -4.97 27.15 0.26
N SER A 139 -5.59 26.40 1.17
CA SER A 139 -6.00 25.05 0.81
C SER A 139 -6.96 25.15 -0.39
N CYS A 140 -7.87 26.13 -0.32
CA CYS A 140 -8.83 26.35 -1.38
C CYS A 140 -8.14 26.58 -2.71
N ASN A 141 -7.11 27.41 -2.72
CA ASN A 141 -6.36 27.69 -3.95
C ASN A 141 -5.83 26.38 -4.50
N VAL A 142 -5.25 25.54 -3.64
CA VAL A 142 -4.71 24.27 -4.10
C VAL A 142 -5.83 23.44 -4.73
N THR A 143 -6.94 23.32 -4.01
CA THR A 143 -8.09 22.53 -4.48
C THR A 143 -8.61 22.99 -5.83
N VAL A 144 -8.93 24.27 -5.99
CA VAL A 144 -9.42 24.72 -7.28
C VAL A 144 -8.41 24.33 -8.37
N ASN A 145 -7.13 24.58 -8.11
CA ASN A 145 -6.08 24.24 -9.06
C ASN A 145 -6.10 22.77 -9.50
N LEU A 146 -6.31 21.85 -8.56
CA LEU A 146 -6.33 20.44 -8.91
C LEU A 146 -7.63 20.10 -9.60
N ALA A 147 -8.69 20.79 -9.19
CA ALA A 147 -10.02 20.57 -9.76
C ALA A 147 -10.05 20.93 -11.23
N MET A 148 -9.22 21.87 -11.63
CA MET A 148 -9.24 22.26 -13.03
C MET A 148 -7.93 22.31 -13.76
N GLU A 149 -6.87 21.74 -13.19
CA GLU A 149 -5.58 21.75 -13.88
C GLU A 149 -5.18 23.12 -14.42
N LYS A 150 -5.31 24.15 -13.59
CA LYS A 150 -4.93 25.51 -13.97
C LYS A 150 -4.20 26.14 -12.79
N PRO A 151 -3.12 26.88 -13.08
CA PRO A 151 -2.28 27.56 -12.07
C PRO A 151 -2.96 28.78 -11.45
N PHE A 152 -4.19 28.61 -10.99
CA PHE A 152 -4.91 29.71 -10.37
C PHE A 152 -4.20 30.23 -9.15
N VAL A 153 -4.30 31.54 -8.96
CA VAL A 153 -3.67 32.20 -7.83
C VAL A 153 -4.73 33.05 -7.13
N ILE A 154 -5.00 32.72 -5.87
CA ILE A 154 -5.97 33.49 -5.12
C ILE A 154 -5.21 34.51 -4.30
N HIS A 155 -5.57 35.77 -4.46
CA HIS A 155 -4.93 36.89 -3.79
C HIS A 155 -5.80 37.50 -2.70
N THR A 156 -5.29 37.57 -1.48
CA THR A 156 -6.09 38.17 -0.44
C THR A 156 -5.32 39.36 0.14
N PRO A 157 -5.19 40.43 -0.64
CA PRO A 157 -4.48 41.67 -0.29
C PRO A 157 -4.82 42.39 1.02
N LEU A 158 -5.93 42.01 1.67
CA LEU A 158 -6.33 42.64 2.92
C LEU A 158 -6.21 41.69 4.13
N MET A 159 -5.73 40.49 3.85
CA MET A 159 -5.56 39.43 4.84
C MET A 159 -4.92 39.84 6.17
N TRP A 160 -3.86 40.64 6.10
CA TRP A 160 -3.13 41.05 7.30
C TRP A 160 -3.25 42.52 7.62
N LEU A 161 -4.26 43.18 7.05
CA LEU A 161 -4.44 44.60 7.28
C LEU A 161 -5.71 44.81 8.09
N ASN A 162 -5.68 45.84 8.94
CA ASN A 162 -6.85 46.16 9.75
C ASN A 162 -7.60 47.25 9.00
N LYS A 163 -8.77 47.66 9.52
CA LYS A 163 -9.57 48.69 8.88
C LYS A 163 -8.75 49.94 8.48
N ALA A 164 -8.10 50.57 9.46
CA ALA A 164 -7.30 51.76 9.21
C ALA A 164 -6.20 51.51 8.19
N GLU A 165 -5.70 50.29 8.14
CA GLU A 165 -4.67 49.95 7.18
C GLU A 165 -5.30 49.79 5.81
N THR A 166 -6.58 49.39 5.78
CA THR A 166 -7.32 49.21 4.53
C THR A 166 -7.54 50.61 3.92
N TRP A 167 -7.86 51.60 4.75
CA TRP A 167 -8.02 52.98 4.27
C TRP A 167 -6.65 53.39 3.75
N LYS A 168 -5.64 53.30 4.61
CA LYS A 168 -4.27 53.62 4.27
C LYS A 168 -3.92 53.10 2.88
N LEU A 169 -4.31 51.86 2.57
CA LEU A 169 -4.03 51.28 1.25
C LEU A 169 -4.76 52.06 0.16
N ALA A 170 -6.08 52.16 0.30
CA ALA A 170 -6.91 52.90 -0.66
C ALA A 170 -6.24 54.23 -0.98
N ASP A 171 -5.82 54.92 0.07
CA ASP A 171 -5.17 56.20 -0.04
C ASP A 171 -3.84 56.12 -0.79
N GLU A 172 -3.10 55.01 -0.59
CA GLU A 172 -1.81 54.85 -1.27
C GLU A 172 -2.06 54.60 -2.74
N LEU A 173 -3.29 54.17 -3.04
CA LEU A 173 -3.69 53.90 -4.40
C LEU A 173 -4.27 55.19 -5.00
N GLY A 174 -4.45 56.19 -4.15
CA GLY A 174 -5.01 57.45 -4.60
C GLY A 174 -6.51 57.39 -4.80
N ALA A 175 -7.18 56.47 -4.12
CA ALA A 175 -8.63 56.32 -4.25
C ALA A 175 -9.34 56.50 -2.90
N LEU A 176 -8.66 57.11 -1.93
CA LEU A 176 -9.25 57.31 -0.63
C LEU A 176 -10.66 57.89 -0.72
N ASP A 177 -10.76 59.06 -1.34
CA ASP A 177 -12.04 59.74 -1.47
C ASP A 177 -13.06 58.98 -2.33
N PHE A 178 -12.57 58.35 -3.41
CA PHE A 178 -13.46 57.58 -4.26
C PHE A 178 -14.11 56.56 -3.34
N VAL A 179 -13.29 55.74 -2.69
CA VAL A 179 -13.79 54.73 -1.77
C VAL A 179 -14.72 55.30 -0.70
N LYS A 180 -14.26 56.36 -0.04
CA LYS A 180 -15.03 57.01 1.01
C LYS A 180 -16.44 57.34 0.62
N ASN A 181 -16.62 57.87 -0.59
CA ASN A 181 -17.96 58.30 -1.06
C ASN A 181 -18.86 57.30 -1.76
N ASN A 182 -18.29 56.39 -2.53
CA ASN A 182 -19.10 55.47 -3.30
C ASN A 182 -19.43 54.09 -2.78
N THR A 183 -18.53 53.50 -1.99
CA THR A 183 -18.76 52.16 -1.46
C THR A 183 -19.91 52.08 -0.44
N LEU A 184 -20.52 50.91 -0.35
CA LEU A 184 -21.61 50.70 0.58
C LEU A 184 -21.14 49.78 1.70
N THR A 185 -21.09 50.31 2.92
CA THR A 185 -20.66 49.54 4.09
C THR A 185 -21.79 49.41 5.10
N CYS A 186 -22.49 50.51 5.33
CA CYS A 186 -23.61 50.56 6.28
C CYS A 186 -24.55 49.38 6.12
N TYR A 187 -25.20 48.99 7.21
CA TYR A 187 -26.13 47.87 7.19
C TYR A 187 -27.54 48.34 6.82
N ASN A 188 -27.65 49.53 6.25
CA ASN A 188 -28.96 50.07 5.89
C ASN A 188 -28.97 50.78 4.54
N GLY A 189 -28.37 50.18 3.52
CA GLY A 189 -28.36 50.79 2.20
C GLY A 189 -27.82 52.21 2.13
N ILE A 190 -27.41 52.75 3.27
CA ILE A 190 -26.87 54.11 3.34
C ILE A 190 -25.40 54.11 2.90
N ILE A 191 -25.15 54.67 1.73
CA ILE A 191 -23.81 54.75 1.16
C ILE A 191 -22.85 55.57 2.01
N ALA A 192 -21.55 55.30 1.86
CA ALA A 192 -20.52 56.00 2.60
C ALA A 192 -20.78 55.90 4.10
N ASP A 193 -20.78 57.06 4.77
CA ASP A 193 -21.00 57.12 6.21
C ASP A 193 -22.46 56.79 6.47
N GLY A 194 -22.80 55.50 6.44
CA GLY A 194 -24.19 55.12 6.66
C GLY A 194 -24.87 55.67 7.90
N CYS A 195 -25.76 54.87 8.47
CA CYS A 195 -26.49 55.24 9.67
C CYS A 195 -25.61 55.89 10.73
N GLY A 196 -24.41 55.34 10.90
CA GLY A 196 -23.52 55.87 11.91
C GLY A 196 -23.94 55.24 13.23
N GLU A 197 -24.65 54.12 13.11
CA GLU A 197 -25.17 53.37 14.25
C GLU A 197 -24.66 51.94 14.28
N CYS A 198 -25.06 51.16 13.28
CA CYS A 198 -24.69 49.75 13.16
C CYS A 198 -23.21 49.46 13.40
N PRO A 199 -22.86 48.18 13.53
CA PRO A 199 -21.46 47.81 13.76
C PRO A 199 -20.62 48.28 12.59
N ALA A 200 -20.97 47.80 11.39
CA ALA A 200 -20.27 48.15 10.17
C ALA A 200 -19.80 49.61 10.19
N CYS A 201 -20.75 50.54 10.30
CA CYS A 201 -20.45 51.97 10.34
C CYS A 201 -19.40 52.34 11.37
N HIS A 202 -19.61 51.90 12.60
CA HIS A 202 -18.68 52.18 13.67
C HIS A 202 -17.28 51.67 13.34
N LEU A 203 -17.20 50.44 12.87
CA LEU A 203 -15.92 49.82 12.52
C LEU A 203 -15.24 50.57 11.36
N ARG A 204 -16.03 50.93 10.35
CA ARG A 204 -15.50 51.65 9.19
C ARG A 204 -15.04 53.06 9.60
N SER A 205 -15.85 53.72 10.43
CA SER A 205 -15.54 55.07 10.89
C SER A 205 -14.33 55.10 11.84
N LYS A 206 -14.32 54.23 12.83
CA LYS A 206 -13.22 54.18 13.78
C LYS A 206 -11.92 53.86 13.03
N GLY A 207 -12.05 53.13 11.93
CA GLY A 207 -10.89 52.80 11.13
C GLY A 207 -10.38 54.04 10.43
N TYR A 208 -11.32 54.78 9.84
CA TYR A 208 -11.01 56.02 9.13
C TYR A 208 -10.30 57.01 10.05
N GLU A 209 -10.91 57.26 11.21
CA GLU A 209 -10.36 58.18 12.18
C GLU A 209 -8.99 57.76 12.67
N GLU A 210 -8.84 56.45 12.90
CA GLU A 210 -7.57 55.90 13.38
C GLU A 210 -6.49 56.15 12.32
N TYR A 211 -6.87 56.09 11.05
CA TYR A 211 -5.93 56.33 9.95
C TYR A 211 -5.57 57.80 9.83
N MET A 212 -6.53 58.65 10.16
CA MET A 212 -6.32 60.09 10.08
C MET A 212 -5.38 60.58 11.16
N VAL A 213 -5.46 60.00 12.37
CA VAL A 213 -4.56 60.42 13.44
C VAL A 213 -3.14 60.00 13.11
N MET A 214 -3.00 58.86 12.45
CA MET A 214 -1.68 58.38 12.07
C MET A 214 -1.28 59.04 10.76
N LYS A 215 -1.91 60.18 10.46
CA LYS A 215 -1.62 60.95 9.26
C LYS A 215 -0.11 61.06 9.09
N LYS B 3 -1.89 -3.43 -8.30
CA LYS B 3 -0.71 -4.33 -8.46
C LYS B 3 0.47 -3.63 -9.17
N GLU B 4 1.09 -2.67 -8.46
CA GLU B 4 2.24 -1.87 -8.94
C GLU B 4 3.37 -1.95 -7.88
N LYS B 5 4.15 -0.88 -7.72
CA LYS B 5 5.25 -0.85 -6.75
C LYS B 5 4.89 -0.08 -5.47
N ALA B 6 5.17 -0.68 -4.31
CA ALA B 6 4.85 -0.04 -3.04
C ALA B 6 5.96 -0.04 -1.98
N ILE B 7 6.09 1.08 -1.27
CA ILE B 7 7.07 1.26 -0.21
C ILE B 7 6.33 1.35 1.12
N VAL B 8 6.66 0.47 2.06
CA VAL B 8 5.99 0.48 3.35
C VAL B 8 6.89 1.05 4.43
N VAL B 9 6.42 2.07 5.13
CA VAL B 9 7.21 2.63 6.23
C VAL B 9 7.17 1.55 7.31
N PHE B 10 8.20 0.73 7.33
CA PHE B 10 8.29 -0.40 8.23
C PHE B 10 9.14 -0.23 9.48
N SER B 11 8.62 -0.71 10.61
CA SER B 11 9.33 -0.62 11.87
C SER B 11 9.43 -1.92 12.64
N GLY B 12 8.64 -2.91 12.27
CA GLY B 12 8.69 -4.18 12.96
C GLY B 12 7.70 -4.32 14.09
N GLY B 13 6.82 -3.33 14.25
CA GLY B 13 5.81 -3.40 15.29
C GLY B 13 4.57 -4.10 14.77
N GLN B 14 3.64 -4.39 15.65
CA GLN B 14 2.41 -5.07 15.25
C GLN B 14 1.77 -4.36 14.05
N ASP B 15 1.67 -3.05 14.16
CA ASP B 15 1.06 -2.24 13.12
C ASP B 15 1.75 -2.14 11.76
N SER B 16 3.02 -1.75 11.72
CA SER B 16 3.70 -1.63 10.43
C SER B 16 3.80 -2.99 9.75
N THR B 17 3.94 -4.02 10.58
CA THR B 17 4.06 -5.37 10.05
C THR B 17 2.74 -5.76 9.36
N THR B 18 1.63 -5.56 10.07
CA THR B 18 0.32 -5.85 9.52
C THR B 18 0.14 -5.08 8.21
N CYS B 19 0.60 -3.84 8.17
CA CYS B 19 0.48 -3.02 6.98
C CYS B 19 1.26 -3.63 5.83
N LEU B 20 2.46 -4.14 6.12
CA LEU B 20 3.31 -4.76 5.10
C LEU B 20 2.62 -6.00 4.56
N LEU B 21 2.16 -6.85 5.48
CA LEU B 21 1.45 -8.07 5.11
C LEU B 21 0.33 -7.64 4.19
N TRP B 22 -0.44 -6.65 4.64
CA TRP B 22 -1.52 -6.09 3.86
C TRP B 22 -1.05 -5.68 2.47
N ALA B 23 -0.06 -4.80 2.44
CA ALA B 23 0.50 -4.27 1.19
C ALA B 23 0.99 -5.37 0.24
N LEU B 24 1.52 -6.45 0.81
CA LEU B 24 2.03 -7.54 0.00
C LEU B 24 0.93 -8.17 -0.86
N LYS B 25 -0.29 -8.20 -0.33
CA LYS B 25 -1.42 -8.75 -1.04
C LYS B 25 -2.01 -7.75 -2.02
N GLU B 26 -1.85 -6.47 -1.74
CA GLU B 26 -2.40 -5.46 -2.64
C GLU B 26 -1.54 -5.13 -3.85
N PHE B 27 -0.22 -5.21 -3.70
CA PHE B 27 0.66 -4.87 -4.82
C PHE B 27 1.67 -5.92 -5.28
N GLU B 28 2.15 -5.75 -6.52
CA GLU B 28 3.13 -6.63 -7.14
C GLU B 28 4.50 -6.51 -6.48
N GLU B 29 5.05 -5.30 -6.49
CA GLU B 29 6.35 -5.01 -5.89
C GLU B 29 6.16 -4.31 -4.56
N VAL B 30 6.90 -4.72 -3.53
CA VAL B 30 6.76 -4.09 -2.23
C VAL B 30 8.09 -4.01 -1.49
N GLU B 31 8.59 -2.77 -1.28
CA GLU B 31 9.84 -2.57 -0.55
C GLU B 31 9.58 -1.86 0.76
N THR B 32 10.45 -2.03 1.74
CA THR B 32 10.26 -1.40 3.05
C THR B 32 11.31 -0.33 3.41
N VAL B 33 10.97 0.51 4.38
CA VAL B 33 11.88 1.54 4.83
C VAL B 33 11.82 1.53 6.34
N THR B 34 12.99 1.54 6.99
CA THR B 34 13.03 1.57 8.43
C THR B 34 13.86 2.77 8.87
N PHE B 35 13.31 3.55 9.78
CA PHE B 35 13.97 4.74 10.26
C PHE B 35 14.54 4.45 11.60
N HIS B 36 15.79 4.87 11.78
CA HIS B 36 16.48 4.69 13.04
C HIS B 36 17.18 6.01 13.31
N TYR B 37 17.45 6.28 14.59
CA TYR B 37 18.14 7.49 15.01
C TYR B 37 19.60 7.15 15.33
N ASN B 38 20.28 6.64 14.31
CA ASN B 38 21.67 6.20 14.38
C ASN B 38 21.81 5.00 15.30
N GLN B 39 21.19 3.89 14.91
CA GLN B 39 21.24 2.67 15.70
C GLN B 39 21.01 1.38 14.92
N ARG B 40 21.87 1.12 13.93
CA ARG B 40 21.77 -0.11 13.12
C ARG B 40 21.69 -1.33 14.05
N HIS B 41 22.24 -1.18 15.25
CA HIS B 41 22.24 -2.27 16.22
C HIS B 41 20.98 -2.43 17.06
N SER B 42 20.11 -1.41 17.07
CA SER B 42 18.89 -1.48 17.87
C SER B 42 18.14 -2.81 17.66
N GLN B 43 17.45 -3.27 18.70
CA GLN B 43 16.71 -4.52 18.57
C GLN B 43 15.54 -4.30 17.62
N GLU B 44 14.98 -3.09 17.65
CA GLU B 44 13.87 -2.76 16.79
C GLU B 44 14.30 -2.82 15.32
N VAL B 45 15.42 -2.18 15.01
CA VAL B 45 15.88 -2.17 13.64
C VAL B 45 16.29 -3.57 13.21
N GLU B 46 16.71 -4.38 14.18
CA GLU B 46 17.12 -5.72 13.82
C GLU B 46 15.90 -6.60 13.58
N VAL B 47 15.02 -6.69 14.58
CA VAL B 47 13.82 -7.50 14.42
C VAL B 47 13.19 -7.16 13.05
N ALA B 48 13.03 -5.87 12.78
CA ALA B 48 12.46 -5.43 11.52
C ALA B 48 13.19 -6.03 10.31
N LYS B 49 14.52 -6.00 10.35
CA LYS B 49 15.29 -6.57 9.24
C LYS B 49 15.05 -8.08 9.15
N SER B 50 14.89 -8.70 10.31
CA SER B 50 14.64 -10.14 10.38
C SER B 50 13.31 -10.40 9.70
N ILE B 51 12.28 -9.85 10.32
CA ILE B 51 10.91 -9.95 9.88
C ILE B 51 10.77 -9.60 8.39
N ALA B 52 11.63 -8.72 7.90
CA ALA B 52 11.58 -8.34 6.49
C ALA B 52 12.08 -9.53 5.68
N GLU B 53 13.24 -10.05 6.05
CA GLU B 53 13.85 -11.21 5.38
C GLU B 53 12.81 -12.30 5.25
N LYS B 54 12.30 -12.73 6.42
CA LYS B 54 11.30 -13.76 6.53
C LYS B 54 10.28 -13.69 5.39
N LEU B 55 10.02 -12.50 4.86
CA LEU B 55 9.06 -12.38 3.77
C LEU B 55 9.51 -11.62 2.52
N GLY B 56 10.70 -11.92 2.02
CA GLY B 56 11.19 -11.25 0.82
C GLY B 56 11.29 -9.77 1.13
N VAL B 57 10.92 -8.93 0.17
CA VAL B 57 10.93 -7.48 0.34
C VAL B 57 12.27 -6.85 0.78
N LYS B 58 12.81 -5.99 -0.07
CA LYS B 58 14.06 -5.34 0.29
C LYS B 58 13.73 -4.37 1.42
N ASN B 59 14.72 -4.06 2.25
CA ASN B 59 14.52 -3.11 3.31
C ASN B 59 15.56 -2.03 3.13
N HIS B 60 15.20 -0.79 3.42
CA HIS B 60 16.17 0.28 3.30
C HIS B 60 16.21 0.93 4.68
N LEU B 61 17.41 1.17 5.18
CA LEU B 61 17.56 1.83 6.47
C LEU B 61 17.83 3.31 6.21
N LEU B 62 17.33 4.17 7.08
CA LEU B 62 17.55 5.61 6.95
C LEU B 62 17.79 6.16 8.35
N ASP B 63 18.86 6.95 8.47
CA ASP B 63 19.17 7.55 9.76
C ASP B 63 18.45 8.87 9.84
N MET B 64 17.68 9.06 10.90
CA MET B 64 16.93 10.31 11.06
C MET B 64 17.40 11.05 12.30
N SER B 65 18.68 10.94 12.62
CA SER B 65 19.22 11.60 13.79
C SER B 65 19.41 13.10 13.56
N LEU B 66 19.55 13.51 12.30
CA LEU B 66 19.70 14.93 11.98
C LEU B 66 18.46 15.66 12.46
N LEU B 67 17.34 14.94 12.49
CA LEU B 67 16.08 15.51 12.92
C LEU B 67 16.18 15.99 14.36
N ASN B 68 17.08 15.40 15.14
CA ASN B 68 17.23 15.80 16.52
C ASN B 68 17.92 17.15 16.73
N GLN B 69 18.31 17.79 15.64
CA GLN B 69 18.92 19.11 15.72
C GLN B 69 17.80 20.01 16.21
N LEU B 70 16.60 19.68 15.76
CA LEU B 70 15.41 20.44 16.08
C LEU B 70 14.89 20.20 17.50
N ALA B 71 15.53 19.29 18.23
CA ALA B 71 15.10 19.02 19.58
C ALA B 71 15.47 20.21 20.46
N PRO B 72 14.62 20.54 21.43
CA PRO B 72 14.84 21.66 22.34
C PRO B 72 16.25 21.77 22.92
N ASN B 73 16.73 20.67 23.47
CA ASN B 73 18.08 20.62 24.08
C ASN B 73 19.18 20.95 23.08
N ALA B 74 19.03 20.47 21.86
CA ALA B 74 20.01 20.71 20.81
C ALA B 74 20.04 22.18 20.38
N LEU B 75 18.92 22.88 20.60
CA LEU B 75 18.82 24.29 20.24
C LEU B 75 19.42 25.17 21.32
N THR B 76 20.37 24.62 22.06
CA THR B 76 21.04 25.35 23.13
C THR B 76 22.25 24.58 23.66
N SER B 91 13.93 18.77 27.26
CA SER B 91 12.89 18.25 26.41
C SER B 91 13.47 17.71 25.11
N THR B 92 13.00 16.56 24.66
CA THR B 92 13.49 15.93 23.44
C THR B 92 12.43 15.80 22.35
N PHE B 93 11.25 16.33 22.60
CA PHE B 93 10.16 16.25 21.64
C PHE B 93 10.36 17.14 20.43
N VAL B 94 10.13 16.56 19.26
CA VAL B 94 10.22 17.30 18.00
C VAL B 94 8.86 17.12 17.35
N PRO B 95 8.17 18.23 17.05
CA PRO B 95 6.85 18.22 16.43
C PRO B 95 6.86 17.81 14.98
N GLY B 96 5.73 17.28 14.54
CA GLY B 96 5.57 16.85 13.17
C GLY B 96 6.68 15.97 12.63
N ARG B 97 7.26 15.12 13.48
CA ARG B 97 8.32 14.25 12.99
C ARG B 97 7.77 13.27 11.96
N ASN B 98 6.45 13.22 11.87
CA ASN B 98 5.79 12.33 10.92
C ASN B 98 5.73 12.98 9.53
N LEU B 99 5.89 14.30 9.49
CA LEU B 99 5.88 15.02 8.23
C LEU B 99 7.16 14.58 7.52
N VAL B 100 8.26 14.67 8.24
CA VAL B 100 9.57 14.31 7.72
C VAL B 100 9.60 12.86 7.26
N PHE B 101 9.11 11.95 8.08
CA PHE B 101 9.09 10.53 7.70
C PHE B 101 8.36 10.32 6.38
N LEU B 102 7.13 10.80 6.29
CA LEU B 102 6.40 10.63 5.06
C LEU B 102 7.07 11.41 3.95
N SER B 103 7.69 12.54 4.27
CA SER B 103 8.39 13.31 3.23
C SER B 103 9.54 12.51 2.66
N PHE B 104 10.33 11.93 3.54
CA PHE B 104 11.46 11.14 3.11
C PHE B 104 10.98 9.90 2.37
N ALA B 105 10.06 9.16 3.00
CA ALA B 105 9.51 7.95 2.40
C ALA B 105 9.03 8.20 0.98
N SER B 106 8.53 9.41 0.71
CA SER B 106 8.06 9.75 -0.62
C SER B 106 9.20 10.14 -1.55
N ILE B 107 10.30 10.61 -0.99
CA ILE B 107 11.46 10.97 -1.80
C ILE B 107 12.04 9.62 -2.21
N LEU B 108 12.02 8.68 -1.27
CA LEU B 108 12.52 7.35 -1.53
C LEU B 108 11.65 6.68 -2.59
N ALA B 109 10.34 6.64 -2.34
CA ALA B 109 9.40 6.05 -3.27
C ALA B 109 9.69 6.57 -4.65
N TYR B 110 9.96 7.87 -4.74
CA TYR B 110 10.27 8.47 -6.02
C TYR B 110 11.44 7.78 -6.72
N GLN B 111 12.59 7.71 -6.04
CA GLN B 111 13.79 7.10 -6.59
C GLN B 111 13.56 5.62 -6.92
N ILE B 112 13.10 4.88 -5.93
CA ILE B 112 12.85 3.44 -6.06
C ILE B 112 11.68 3.10 -7.02
N GLY B 113 11.01 4.12 -7.53
CA GLY B 113 9.92 3.92 -8.47
C GLY B 113 8.54 3.46 -7.97
N ALA B 114 8.27 3.64 -6.69
CA ALA B 114 6.98 3.24 -6.14
C ALA B 114 5.99 4.38 -6.24
N ARG B 115 4.72 4.04 -6.38
CA ARG B 115 3.67 5.05 -6.47
C ARG B 115 2.90 5.03 -5.15
N HIS B 116 2.95 3.88 -4.49
CA HIS B 116 2.23 3.69 -3.24
C HIS B 116 3.13 3.75 -2.01
N ILE B 117 2.65 4.44 -0.99
CA ILE B 117 3.36 4.62 0.27
C ILE B 117 2.47 4.17 1.42
N ILE B 118 2.72 2.98 1.93
CA ILE B 118 1.91 2.47 3.02
C ILE B 118 2.52 2.87 4.35
N THR B 119 1.65 3.25 5.29
CA THR B 119 2.07 3.68 6.62
C THR B 119 1.03 3.25 7.64
N GLY B 120 1.48 2.88 8.84
CA GLY B 120 0.58 2.42 9.87
C GLY B 120 -0.09 3.47 10.75
N VAL B 121 0.15 4.75 10.47
CA VAL B 121 -0.44 5.84 11.27
C VAL B 121 -1.95 5.64 11.46
N CYS B 122 -2.52 6.21 12.53
CA CYS B 122 -3.96 6.05 12.75
C CYS B 122 -4.58 6.73 13.98
N GLU B 123 -5.30 7.83 13.73
CA GLU B 123 -5.96 8.57 14.80
C GLU B 123 -7.07 7.71 15.40
N GLY B 128 -4.85 11.88 18.94
CA GLY B 128 -3.58 11.94 19.65
C GLY B 128 -2.68 13.02 19.09
N TYR B 129 -1.72 12.60 18.27
CA TYR B 129 -0.79 13.54 17.65
C TYR B 129 -1.43 14.10 16.37
N PRO B 130 -1.28 15.41 16.14
CA PRO B 130 -1.87 16.02 14.94
C PRO B 130 -1.35 15.47 13.61
N ASP B 131 -0.10 15.04 13.57
CA ASP B 131 0.50 14.51 12.34
C ASP B 131 0.28 13.00 12.16
N CYS B 132 -0.75 12.47 12.82
CA CYS B 132 -1.13 11.08 12.70
C CYS B 132 -2.61 11.05 12.35
N ARG B 133 -3.20 12.23 12.26
CA ARG B 133 -4.60 12.40 11.93
C ARG B 133 -4.78 12.22 10.43
N ASP B 134 -5.96 11.74 10.04
CA ASP B 134 -6.30 11.47 8.65
C ASP B 134 -6.22 12.66 7.67
N GLU B 135 -6.60 13.86 8.11
CA GLU B 135 -6.54 15.00 7.19
C GLU B 135 -5.10 15.41 6.93
N PHE B 136 -4.22 15.16 7.90
CA PHE B 136 -2.82 15.52 7.72
C PHE B 136 -2.20 14.58 6.68
N VAL B 137 -2.52 13.29 6.76
CA VAL B 137 -1.94 12.38 5.80
C VAL B 137 -2.41 12.74 4.40
N LYS B 138 -3.65 13.25 4.31
CA LYS B 138 -4.22 13.64 3.03
C LYS B 138 -3.55 14.88 2.48
N SER B 139 -3.40 15.91 3.31
CA SER B 139 -2.76 17.14 2.85
C SER B 139 -1.33 16.83 2.45
N CYS B 140 -0.70 15.97 3.24
CA CYS B 140 0.67 15.56 3.00
C CYS B 140 0.77 14.88 1.64
N ASN B 141 -0.16 13.98 1.34
CA ASN B 141 -0.16 13.29 0.06
C ASN B 141 -0.24 14.32 -1.07
N VAL B 142 -1.08 15.34 -0.91
CA VAL B 142 -1.21 16.37 -1.94
C VAL B 142 0.12 17.11 -2.09
N THR B 143 0.74 17.44 -0.96
CA THR B 143 2.01 18.16 -0.96
C THR B 143 3.16 17.40 -1.62
N VAL B 144 3.36 16.13 -1.25
CA VAL B 144 4.44 15.38 -1.86
C VAL B 144 4.21 15.33 -3.37
N ASN B 145 2.97 15.08 -3.77
CA ASN B 145 2.60 15.04 -5.17
C ASN B 145 2.99 16.31 -5.94
N LEU B 146 2.74 17.48 -5.36
CA LEU B 146 3.08 18.73 -6.03
C LEU B 146 4.57 18.98 -5.98
N ALA B 147 5.19 18.52 -4.91
CA ALA B 147 6.62 18.67 -4.71
C ALA B 147 7.37 17.92 -5.77
N MET B 148 6.83 16.79 -6.22
CA MET B 148 7.55 16.01 -7.21
C MET B 148 6.85 15.68 -8.51
N GLU B 149 5.69 16.26 -8.76
CA GLU B 149 4.97 15.97 -9.99
C GLU B 149 4.80 14.46 -10.25
N LYS B 150 4.36 13.72 -9.23
CA LYS B 150 4.15 12.28 -9.33
C LYS B 150 2.85 11.96 -8.61
N PRO B 151 2.03 11.07 -9.18
CA PRO B 151 0.73 10.64 -8.63
C PRO B 151 0.84 9.75 -7.41
N PHE B 152 1.66 10.14 -6.44
CA PHE B 152 1.83 9.33 -5.24
C PHE B 152 0.52 9.12 -4.52
N VAL B 153 0.42 7.96 -3.88
CA VAL B 153 -0.76 7.61 -3.14
C VAL B 153 -0.33 7.12 -1.77
N ILE B 154 -0.74 7.80 -0.73
CA ILE B 154 -0.38 7.37 0.62
C ILE B 154 -1.54 6.57 1.15
N HIS B 155 -1.25 5.36 1.60
CA HIS B 155 -2.28 4.46 2.11
C HIS B 155 -2.19 4.27 3.62
N THR B 156 -3.26 4.53 4.34
CA THR B 156 -3.19 4.31 5.78
C THR B 156 -4.25 3.31 6.21
N PRO B 157 -4.09 2.03 5.81
CA PRO B 157 -4.97 0.90 6.09
C PRO B 157 -5.44 0.64 7.52
N LEU B 158 -4.82 1.27 8.51
CA LEU B 158 -5.20 1.05 9.90
C LEU B 158 -5.87 2.29 10.50
N MET B 159 -5.99 3.32 9.67
CA MET B 159 -6.57 4.61 10.05
C MET B 159 -7.86 4.55 10.86
N TRP B 160 -8.78 3.67 10.48
CA TRP B 160 -10.06 3.60 11.17
C TRP B 160 -10.27 2.31 11.95
N LEU B 161 -9.18 1.59 12.19
CA LEU B 161 -9.24 0.34 12.91
C LEU B 161 -8.65 0.47 14.28
N ASN B 162 -9.21 -0.23 15.25
CA ASN B 162 -8.69 -0.20 16.60
C ASN B 162 -7.75 -1.41 16.74
N LYS B 163 -7.08 -1.53 17.88
CA LYS B 163 -6.15 -2.63 18.11
C LYS B 163 -6.74 -4.00 17.73
N ALA B 164 -7.88 -4.35 18.34
CA ALA B 164 -8.52 -5.62 18.07
C ALA B 164 -8.86 -5.80 16.60
N GLU B 165 -9.16 -4.71 15.93
CA GLU B 165 -9.49 -4.78 14.53
C GLU B 165 -8.20 -5.00 13.75
N THR B 166 -7.09 -4.48 14.28
CA THR B 166 -5.79 -4.62 13.63
C THR B 166 -5.41 -6.10 13.67
N TRP B 167 -5.67 -6.76 14.80
CA TRP B 167 -5.40 -8.21 14.92
C TRP B 167 -6.29 -8.86 13.87
N LYS B 168 -7.60 -8.65 14.03
CA LYS B 168 -8.61 -9.15 13.09
C LYS B 168 -8.11 -9.09 11.64
N LEU B 169 -7.50 -7.98 11.26
CA LEU B 169 -6.99 -7.83 9.90
C LEU B 169 -5.86 -8.82 9.63
N ALA B 170 -4.83 -8.78 10.47
CA ALA B 170 -3.69 -9.69 10.34
C ALA B 170 -4.22 -11.11 10.13
N ASP B 171 -5.15 -11.49 10.99
CA ASP B 171 -5.77 -12.80 10.93
C ASP B 171 -6.51 -13.05 9.62
N GLU B 172 -7.10 -12.01 9.03
CA GLU B 172 -7.82 -12.16 7.77
C GLU B 172 -6.80 -12.35 6.68
N LEU B 173 -5.58 -11.89 6.97
CA LEU B 173 -4.50 -12.01 6.02
C LEU B 173 -3.80 -13.36 6.24
N GLY B 174 -4.21 -14.04 7.29
CA GLY B 174 -3.62 -15.34 7.62
C GLY B 174 -2.23 -15.21 8.23
N ALA B 175 -1.95 -14.08 8.85
CA ALA B 175 -0.65 -13.84 9.47
C ALA B 175 -0.78 -13.56 10.96
N LEU B 176 -1.93 -13.89 11.54
CA LEU B 176 -2.14 -13.65 12.96
C LEU B 176 -0.95 -14.10 13.79
N ASP B 177 -0.64 -15.40 13.72
CA ASP B 177 0.45 -15.96 14.49
C ASP B 177 1.82 -15.40 14.11
N PHE B 178 2.05 -15.20 12.82
CA PHE B 178 3.32 -14.63 12.39
C PHE B 178 3.48 -13.34 13.17
N VAL B 179 2.53 -12.44 13.00
CA VAL B 179 2.54 -11.16 13.69
C VAL B 179 2.69 -11.32 15.20
N LYS B 180 1.85 -12.16 15.78
CA LYS B 180 1.87 -12.38 17.21
C LYS B 180 3.25 -12.70 17.74
N ASN B 181 4.00 -13.55 17.04
CA ASN B 181 5.31 -13.96 17.52
C ASN B 181 6.53 -13.13 17.16
N ASN B 182 6.58 -12.60 15.95
CA ASN B 182 7.75 -11.87 15.51
C ASN B 182 7.88 -10.36 15.69
N THR B 183 6.75 -9.65 15.68
CA THR B 183 6.78 -8.20 15.83
C THR B 183 7.21 -7.75 17.23
N LEU B 184 7.77 -6.54 17.29
CA LEU B 184 8.22 -5.96 18.54
C LEU B 184 7.33 -4.79 18.90
N THR B 185 6.60 -4.94 20.01
CA THR B 185 5.67 -3.91 20.47
C THR B 185 6.09 -3.36 21.84
N CYS B 186 6.47 -4.28 22.72
CA CYS B 186 6.89 -3.96 24.08
C CYS B 186 7.88 -2.80 24.10
N TYR B 187 7.87 -2.04 25.19
CA TYR B 187 8.78 -0.92 25.34
C TYR B 187 10.12 -1.36 25.95
N ASN B 188 10.41 -2.65 25.89
CA ASN B 188 11.66 -3.15 26.46
C ASN B 188 12.34 -4.24 25.62
N GLY B 189 12.44 -4.01 24.31
CA GLY B 189 13.07 -4.99 23.44
C GLY B 189 12.51 -6.39 23.50
N ILE B 190 11.50 -6.62 24.36
CA ILE B 190 10.88 -7.93 24.51
C ILE B 190 9.87 -8.21 23.38
N ILE B 191 10.27 -9.10 22.48
CA ILE B 191 9.42 -9.45 21.34
C ILE B 191 8.09 -10.06 21.76
N ALA B 192 7.10 -9.95 20.88
CA ALA B 192 5.76 -10.49 21.12
C ALA B 192 5.15 -9.92 22.40
N ASP B 193 4.72 -10.82 23.29
CA ASP B 193 4.14 -10.43 24.56
C ASP B 193 5.27 -9.90 25.44
N GLY B 194 5.68 -8.66 25.23
CA GLY B 194 6.77 -8.12 26.02
C GLY B 194 6.63 -8.23 27.53
N CYS B 195 7.15 -7.23 28.22
CA CYS B 195 7.11 -7.17 29.68
C CYS B 195 5.74 -7.53 30.23
N GLY B 196 4.69 -7.07 29.57
CA GLY B 196 3.35 -7.34 30.06
C GLY B 196 3.09 -6.35 31.16
N GLU B 197 3.82 -5.24 31.10
CA GLU B 197 3.72 -4.15 32.07
C GLU B 197 3.40 -2.82 31.40
N CYS B 198 4.34 -2.35 30.58
CA CYS B 198 4.22 -1.08 29.88
C CYS B 198 2.87 -0.86 29.21
N PRO B 199 2.61 0.38 28.73
CA PRO B 199 1.34 0.66 28.06
C PRO B 199 1.23 -0.20 26.81
N ALA B 200 2.22 -0.06 25.92
CA ALA B 200 2.26 -0.82 24.69
C ALA B 200 1.70 -2.22 24.88
N CYS B 201 2.37 -3.00 25.74
CA CYS B 201 1.97 -4.36 26.04
C CYS B 201 0.50 -4.49 26.40
N HIS B 202 0.06 -3.71 27.39
CA HIS B 202 -1.33 -3.76 27.80
C HIS B 202 -2.27 -3.51 26.63
N LEU B 203 -1.97 -2.47 25.85
CA LEU B 203 -2.81 -2.10 24.70
C LEU B 203 -2.84 -3.20 23.64
N ARG B 204 -1.68 -3.78 23.38
CA ARG B 204 -1.58 -4.84 22.39
C ARG B 204 -2.30 -6.11 22.89
N SER B 205 -2.12 -6.41 24.18
CA SER B 205 -2.75 -7.60 24.77
C SER B 205 -4.27 -7.44 24.88
N LYS B 206 -4.72 -6.30 25.40
CA LYS B 206 -6.16 -6.06 25.54
C LYS B 206 -6.81 -6.10 24.16
N GLY B 207 -6.06 -5.71 23.14
CA GLY B 207 -6.59 -5.74 21.79
C GLY B 207 -6.74 -7.18 21.36
N TYR B 208 -5.71 -7.98 21.59
CA TYR B 208 -5.71 -9.39 21.23
C TYR B 208 -6.88 -10.12 21.88
N GLU B 209 -7.02 -9.95 23.19
CA GLU B 209 -8.08 -10.60 23.95
C GLU B 209 -9.46 -10.18 23.49
N GLU B 210 -9.58 -8.89 23.18
CA GLU B 210 -10.83 -8.32 22.73
C GLU B 210 -11.24 -8.97 21.41
N TYR B 211 -10.23 -9.25 20.58
CA TYR B 211 -10.47 -9.88 19.29
C TYR B 211 -10.85 -11.34 19.45
N MET B 212 -10.28 -11.98 20.47
CA MET B 212 -10.56 -13.38 20.72
C MET B 212 -11.97 -13.59 21.21
N VAL B 213 -12.46 -12.69 22.04
CA VAL B 213 -13.82 -12.84 22.55
C VAL B 213 -14.80 -12.68 21.41
N MET B 214 -14.46 -11.81 20.46
CA MET B 214 -15.32 -11.59 19.32
C MET B 214 -15.04 -12.65 18.26
N LYS B 215 -14.44 -13.75 18.70
CA LYS B 215 -14.12 -14.86 17.81
C LYS B 215 -15.33 -15.12 16.93
N LYS C 3 4.09 42.82 17.82
CA LYS C 3 3.74 42.04 16.58
C LYS C 3 3.91 40.56 16.90
N GLU C 4 4.57 39.83 16.01
CA GLU C 4 4.84 38.42 16.21
C GLU C 4 6.21 38.09 15.65
N LYS C 5 6.65 36.86 15.88
CA LYS C 5 7.96 36.39 15.45
C LYS C 5 7.98 35.86 14.02
N ALA C 6 9.13 36.01 13.36
CA ALA C 6 9.29 35.52 11.98
C ALA C 6 10.65 34.86 11.80
N ILE C 7 10.65 33.69 11.16
CA ILE C 7 11.88 32.93 10.90
C ILE C 7 12.14 32.92 9.39
N VAL C 8 13.27 33.49 8.98
CA VAL C 8 13.64 33.57 7.56
C VAL C 8 14.61 32.48 7.15
N VAL C 9 14.22 31.66 6.17
CA VAL C 9 15.10 30.62 5.67
C VAL C 9 16.12 31.43 4.90
N PHE C 10 17.33 31.53 5.45
CA PHE C 10 18.42 32.35 4.91
C PHE C 10 19.65 31.61 4.36
N SER C 11 20.16 32.10 3.23
CA SER C 11 21.33 31.51 2.61
C SER C 11 22.40 32.54 2.31
N GLY C 12 22.05 33.81 2.42
CA GLY C 12 23.02 34.87 2.16
C GLY C 12 23.05 35.27 0.70
N GLY C 13 22.17 34.67 -0.08
CA GLY C 13 22.12 35.02 -1.48
C GLY C 13 21.34 36.30 -1.63
N GLN C 14 21.28 36.82 -2.84
CA GLN C 14 20.55 38.05 -3.10
C GLN C 14 19.14 37.92 -2.54
N ASP C 15 18.44 36.91 -3.04
CA ASP C 15 17.08 36.63 -2.66
C ASP C 15 16.78 36.45 -1.17
N SER C 16 17.25 35.39 -0.55
CA SER C 16 16.95 35.19 0.86
C SER C 16 17.33 36.41 1.66
N THR C 17 18.38 37.09 1.23
CA THR C 17 18.82 38.28 1.94
C THR C 17 17.78 39.40 1.82
N THR C 18 17.34 39.69 0.59
CA THR C 18 16.31 40.70 0.41
C THR C 18 15.06 40.28 1.20
N CYS C 19 14.79 38.99 1.27
CA CYS C 19 13.64 38.51 2.02
C CYS C 19 13.85 38.81 3.49
N LEU C 20 15.10 38.74 3.94
CA LEU C 20 15.43 39.00 5.36
C LEU C 20 15.25 40.47 5.71
N LEU C 21 15.77 41.34 4.85
CA LEU C 21 15.65 42.78 5.04
C LEU C 21 14.17 43.16 5.05
N TRP C 22 13.40 42.57 4.15
CA TRP C 22 11.96 42.81 4.06
C TRP C 22 11.24 42.33 5.31
N ALA C 23 11.70 41.22 5.86
CA ALA C 23 11.10 40.65 7.06
C ALA C 23 11.44 41.51 8.29
N LEU C 24 12.58 42.19 8.23
CA LEU C 24 13.04 43.03 9.32
C LEU C 24 12.12 44.22 9.61
N LYS C 25 11.42 44.69 8.59
CA LYS C 25 10.52 45.81 8.80
C LYS C 25 9.06 45.44 8.64
N GLU C 26 8.75 44.16 8.79
CA GLU C 26 7.37 43.70 8.67
C GLU C 26 6.98 43.09 10.00
N PHE C 27 7.97 42.51 10.68
CA PHE C 27 7.74 41.88 11.97
C PHE C 27 8.74 42.45 12.95
N GLU C 28 8.43 42.39 14.23
CA GLU C 28 9.36 42.91 15.21
C GLU C 28 10.48 41.91 15.47
N GLU C 29 10.14 40.67 15.81
CA GLU C 29 11.17 39.68 16.05
C GLU C 29 11.46 38.86 14.80
N VAL C 30 12.71 38.89 14.36
CA VAL C 30 13.15 38.16 13.18
C VAL C 30 14.39 37.31 13.45
N GLU C 31 14.33 36.05 13.05
CA GLU C 31 15.45 35.13 13.22
C GLU C 31 15.69 34.40 11.91
N THR C 32 16.85 33.77 11.77
CA THR C 32 17.16 33.06 10.53
C THR C 32 17.67 31.62 10.69
N VAL C 33 17.42 30.80 9.67
CA VAL C 33 17.86 29.39 9.62
C VAL C 33 18.70 29.24 8.37
N THR C 34 19.84 28.57 8.50
CA THR C 34 20.70 28.34 7.34
C THR C 34 20.99 26.87 7.26
N PHE C 35 20.76 26.30 6.09
CA PHE C 35 20.97 24.88 5.89
C PHE C 35 22.34 24.64 5.29
N HIS C 36 23.08 23.70 5.88
CA HIS C 36 24.41 23.35 5.43
C HIS C 36 24.63 21.84 5.43
N TYR C 37 25.89 21.42 5.38
CA TYR C 37 26.27 20.00 5.37
C TYR C 37 27.64 19.75 6.03
N ASN C 38 27.60 19.35 7.30
CA ASN C 38 28.79 19.04 8.08
C ASN C 38 29.51 20.25 8.67
N GLN C 39 30.49 20.78 7.94
CA GLN C 39 31.27 21.93 8.41
C GLN C 39 30.65 23.31 8.17
N ARG C 40 30.31 23.96 9.30
CA ARG C 40 29.72 25.28 9.33
C ARG C 40 30.81 26.25 8.89
N HIS C 41 31.57 25.84 7.88
CA HIS C 41 32.69 26.63 7.39
C HIS C 41 32.70 26.68 5.86
N SER C 42 31.52 26.71 5.26
CA SER C 42 31.37 26.82 3.81
C SER C 42 31.28 28.31 3.50
N GLN C 43 31.58 28.73 2.26
CA GLN C 43 31.50 30.16 1.98
C GLN C 43 30.08 30.64 1.76
N GLU C 44 29.11 29.76 2.04
CA GLU C 44 27.70 30.10 1.91
C GLU C 44 27.26 30.41 3.33
N VAL C 45 27.51 29.44 4.22
CA VAL C 45 27.15 29.58 5.63
C VAL C 45 27.99 30.69 6.25
N GLU C 46 29.16 30.93 5.67
CA GLU C 46 30.02 31.99 6.16
C GLU C 46 29.36 33.34 5.86
N VAL C 47 28.99 33.56 4.60
CA VAL C 47 28.33 34.79 4.19
C VAL C 47 27.03 35.01 4.95
N ALA C 48 26.28 33.93 5.15
CA ALA C 48 25.01 33.99 5.86
C ALA C 48 25.22 34.45 7.29
N LYS C 49 26.02 33.71 8.06
CA LYS C 49 26.29 34.07 9.46
C LYS C 49 26.83 35.48 9.54
N SER C 50 27.57 35.89 8.51
CA SER C 50 28.14 37.23 8.47
C SER C 50 27.03 38.28 8.34
N ILE C 51 26.26 38.22 7.25
CA ILE C 51 25.18 39.17 7.04
C ILE C 51 24.27 39.18 8.24
N ALA C 52 24.01 37.99 8.78
CA ALA C 52 23.15 37.89 9.96
C ALA C 52 23.74 38.80 11.03
N GLU C 53 24.90 38.41 11.56
CA GLU C 53 25.61 39.17 12.59
C GLU C 53 25.56 40.66 12.25
N LYS C 54 25.98 41.02 11.04
CA LYS C 54 25.96 42.41 10.62
C LYS C 54 24.68 43.08 11.08
N LEU C 55 23.53 42.53 10.70
CA LEU C 55 22.26 43.14 11.10
C LEU C 55 21.49 42.40 12.20
N GLY C 56 22.17 42.12 13.31
CA GLY C 56 21.52 41.43 14.42
C GLY C 56 21.00 40.07 14.05
N VAL C 57 19.71 39.85 14.33
CA VAL C 57 19.04 38.58 14.02
C VAL C 57 19.85 37.31 14.24
N LYS C 58 19.35 36.45 15.11
CA LYS C 58 20.02 35.19 15.37
C LYS C 58 20.07 34.43 14.05
N ASN C 59 20.85 33.35 14.04
CA ASN C 59 20.96 32.53 12.85
C ASN C 59 21.24 31.07 13.20
N HIS C 60 20.20 30.27 13.32
CA HIS C 60 20.37 28.87 13.62
C HIS C 60 20.92 28.20 12.39
N LEU C 61 21.54 27.04 12.59
CA LEU C 61 22.09 26.25 11.49
C LEU C 61 21.54 24.85 11.62
N LEU C 62 21.19 24.26 10.49
CA LEU C 62 20.69 22.89 10.49
C LEU C 62 21.56 22.08 9.55
N ASP C 63 22.08 20.98 10.06
CA ASP C 63 22.92 20.10 9.26
C ASP C 63 22.02 19.22 8.40
N MET C 64 21.80 19.60 7.14
CA MET C 64 20.96 18.81 6.26
C MET C 64 21.77 17.80 5.49
N SER C 65 22.97 17.50 6.00
CA SER C 65 23.85 16.55 5.35
C SER C 65 23.24 15.16 5.20
N LEU C 66 22.60 14.69 6.26
CA LEU C 66 21.95 13.40 6.28
C LEU C 66 20.84 13.28 5.20
N LEU C 67 20.51 14.39 4.57
CA LEU C 67 19.49 14.40 3.53
C LEU C 67 19.98 13.72 2.27
N ASN C 68 21.27 13.44 2.21
CA ASN C 68 21.82 12.81 1.01
C ASN C 68 21.67 11.30 0.97
N GLN C 69 21.12 10.72 2.03
CA GLN C 69 20.88 9.27 2.05
C GLN C 69 19.94 9.02 0.88
N LEU C 70 19.16 10.05 0.56
CA LEU C 70 18.19 9.98 -0.51
C LEU C 70 18.78 10.33 -1.88
N ALA C 71 20.02 10.82 -1.90
CA ALA C 71 20.66 11.16 -3.16
C ALA C 71 20.83 9.83 -3.93
N PRO C 72 20.61 9.85 -5.25
CA PRO C 72 20.72 8.68 -6.12
C PRO C 72 21.77 7.63 -5.78
N ASN C 73 22.98 7.77 -6.31
CA ASN C 73 24.07 6.82 -6.07
C ASN C 73 24.28 6.41 -4.60
N ALA C 74 23.74 7.18 -3.67
CA ALA C 74 23.89 6.87 -2.25
C ALA C 74 22.95 5.74 -1.83
N LEU C 75 22.17 5.23 -2.80
CA LEU C 75 21.21 4.16 -2.52
C LEU C 75 21.74 2.75 -2.78
N THR C 76 23.08 2.60 -2.73
CA THR C 76 23.78 1.32 -2.91
C THR C 76 25.24 1.42 -2.47
N SER C 91 24.20 13.37 -10.26
CA SER C 91 23.54 12.18 -9.73
C SER C 91 23.56 12.19 -8.19
N THR C 92 23.38 13.38 -7.61
CA THR C 92 23.38 13.52 -6.15
C THR C 92 22.33 14.52 -5.67
N PHE C 93 21.33 14.80 -6.51
CA PHE C 93 20.28 15.75 -6.14
C PHE C 93 19.13 14.99 -5.47
N VAL C 94 18.42 15.71 -4.61
CA VAL C 94 17.27 15.14 -3.93
C VAL C 94 16.06 15.91 -4.46
N PRO C 95 15.16 15.21 -5.18
CA PRO C 95 13.98 15.85 -5.74
C PRO C 95 13.04 16.43 -4.68
N GLY C 96 12.46 17.58 -5.00
CA GLY C 96 11.56 18.25 -4.09
C GLY C 96 12.14 18.32 -2.68
N ARG C 97 13.30 18.94 -2.53
CA ARG C 97 13.87 19.04 -1.21
C ARG C 97 13.31 20.21 -0.44
N ASN C 98 12.73 21.18 -1.14
CA ASN C 98 12.13 22.33 -0.47
C ASN C 98 11.07 21.84 0.49
N LEU C 99 10.44 20.73 0.15
CA LEU C 99 9.44 20.15 1.02
C LEU C 99 10.12 19.96 2.37
N VAL C 100 11.31 19.35 2.35
CA VAL C 100 12.11 19.10 3.54
C VAL C 100 12.58 20.40 4.22
N PHE C 101 13.06 21.33 3.42
CA PHE C 101 13.53 22.58 4.00
C PHE C 101 12.42 23.33 4.70
N LEU C 102 11.25 23.39 4.07
CA LEU C 102 10.14 24.10 4.68
C LEU C 102 9.65 23.28 5.85
N SER C 103 9.68 21.95 5.73
CA SER C 103 9.25 21.08 6.83
C SER C 103 10.08 21.39 8.06
N PHE C 104 11.40 21.47 7.87
CA PHE C 104 12.31 21.73 8.97
C PHE C 104 12.21 23.17 9.51
N ALA C 105 12.12 24.14 8.61
CA ALA C 105 11.99 25.53 9.03
C ALA C 105 10.74 25.69 9.89
N SER C 106 9.71 24.89 9.60
CA SER C 106 8.45 24.93 10.32
C SER C 106 8.53 24.25 11.68
N ILE C 107 9.33 23.20 11.80
CA ILE C 107 9.46 22.52 13.09
C ILE C 107 10.29 23.46 13.95
N LEU C 108 11.29 24.09 13.33
CA LEU C 108 12.15 25.04 14.02
C LEU C 108 11.31 26.25 14.48
N ALA C 109 10.53 26.81 13.55
CA ALA C 109 9.65 27.95 13.85
C ALA C 109 8.83 27.57 15.10
N TYR C 110 8.21 26.40 15.04
CA TYR C 110 7.40 25.90 16.13
C TYR C 110 8.12 25.96 17.49
N GLN C 111 9.35 25.45 17.51
CA GLN C 111 10.17 25.44 18.72
C GLN C 111 10.52 26.82 19.22
N ILE C 112 10.96 27.69 18.33
CA ILE C 112 11.32 29.03 18.75
C ILE C 112 10.11 29.94 18.80
N GLY C 113 8.91 29.35 18.75
CA GLY C 113 7.70 30.13 18.80
C GLY C 113 7.54 31.24 17.77
N ALA C 114 7.57 30.88 16.50
CA ALA C 114 7.40 31.86 15.42
C ALA C 114 6.18 31.44 14.60
N ARG C 115 5.40 32.41 14.13
CA ARG C 115 4.22 32.10 13.33
C ARG C 115 4.55 32.22 11.86
N HIS C 116 5.37 33.21 11.56
CA HIS C 116 5.75 33.48 10.18
C HIS C 116 7.07 32.87 9.78
N ILE C 117 7.05 32.19 8.63
CA ILE C 117 8.21 31.54 8.04
C ILE C 117 8.40 32.21 6.70
N ILE C 118 9.47 32.98 6.53
CA ILE C 118 9.68 33.65 5.25
C ILE C 118 10.66 32.84 4.45
N THR C 119 10.48 32.81 3.13
CA THR C 119 11.35 32.05 2.26
C THR C 119 11.51 32.74 0.93
N GLY C 120 12.70 32.69 0.37
CA GLY C 120 12.97 33.35 -0.87
C GLY C 120 12.55 32.66 -2.15
N VAL C 121 12.08 31.42 -2.08
CA VAL C 121 11.67 30.73 -3.31
C VAL C 121 10.70 31.60 -4.12
N CYS C 122 10.87 31.60 -5.44
CA CYS C 122 10.00 32.37 -6.30
C CYS C 122 9.61 31.57 -7.53
N GLU C 123 8.88 32.20 -8.46
CA GLU C 123 8.42 31.52 -9.66
C GLU C 123 7.84 32.52 -10.66
N GLY C 128 11.37 27.18 -11.77
CA GLY C 128 11.28 26.19 -12.83
C GLY C 128 11.01 24.76 -12.37
N TYR C 129 11.25 24.47 -11.09
CA TYR C 129 11.02 23.12 -10.56
C TYR C 129 9.70 23.10 -9.77
N PRO C 130 9.04 21.94 -9.75
CA PRO C 130 7.77 21.80 -9.04
C PRO C 130 7.75 22.35 -7.61
N ASP C 131 8.79 22.07 -6.83
CA ASP C 131 8.82 22.55 -5.44
C ASP C 131 9.20 24.03 -5.24
N CYS C 132 9.00 24.83 -6.26
CA CYS C 132 9.28 26.26 -6.17
C CYS C 132 8.01 27.02 -6.52
N ARG C 133 6.98 26.26 -6.90
CA ARG C 133 5.70 26.81 -7.30
C ARG C 133 4.84 27.30 -6.15
N ASP C 134 4.13 28.40 -6.38
CA ASP C 134 3.24 29.02 -5.40
C ASP C 134 2.28 27.95 -4.89
N GLU C 135 1.82 27.13 -5.82
CA GLU C 135 0.90 26.04 -5.52
C GLU C 135 1.49 25.15 -4.43
N PHE C 136 2.72 24.70 -4.68
CA PHE C 136 3.43 23.86 -3.73
C PHE C 136 3.58 24.54 -2.40
N VAL C 137 4.16 25.73 -2.42
CA VAL C 137 4.37 26.45 -1.17
C VAL C 137 3.09 26.54 -0.37
N LYS C 138 1.99 26.90 -1.04
CA LYS C 138 0.69 27.01 -0.37
C LYS C 138 0.20 25.68 0.21
N SER C 139 0.23 24.62 -0.61
CA SER C 139 -0.20 23.32 -0.11
C SER C 139 0.69 22.91 1.06
N CYS C 140 1.96 23.29 0.98
CA CYS C 140 2.97 22.99 2.01
C CYS C 140 2.62 23.68 3.34
N ASN C 141 2.20 24.94 3.26
CA ASN C 141 1.81 25.69 4.44
C ASN C 141 0.63 25.01 5.14
N VAL C 142 -0.30 24.46 4.38
CA VAL C 142 -1.44 23.79 4.97
C VAL C 142 -0.97 22.53 5.68
N THR C 143 -0.10 21.77 5.02
CA THR C 143 0.43 20.52 5.58
C THR C 143 1.14 20.71 6.92
N VAL C 144 1.97 21.74 7.01
CA VAL C 144 2.68 22.01 8.25
C VAL C 144 1.71 22.44 9.35
N ASN C 145 0.74 23.31 9.04
CA ASN C 145 -0.23 23.73 10.02
C ASN C 145 -0.96 22.50 10.59
N LEU C 146 -1.31 21.57 9.70
CA LEU C 146 -2.01 20.37 10.11
C LEU C 146 -1.12 19.38 10.84
N ALA C 147 0.16 19.41 10.52
CA ALA C 147 1.10 18.49 11.13
C ALA C 147 1.43 18.90 12.54
N MET C 148 1.35 20.19 12.83
CA MET C 148 1.70 20.64 14.16
C MET C 148 0.70 21.52 14.88
N GLU C 149 -0.58 21.43 14.49
CA GLU C 149 -1.65 22.22 15.09
C GLU C 149 -1.23 23.64 15.42
N LYS C 150 -0.79 24.39 14.40
CA LYS C 150 -0.34 25.78 14.56
C LYS C 150 -0.63 26.60 13.30
N PRO C 151 -1.17 27.82 13.47
CA PRO C 151 -1.54 28.77 12.42
C PRO C 151 -0.35 29.34 11.67
N PHE C 152 0.54 28.51 11.16
CA PHE C 152 1.71 29.01 10.44
C PHE C 152 1.35 29.75 9.15
N VAL C 153 2.21 30.67 8.78
CA VAL C 153 2.04 31.46 7.57
C VAL C 153 3.37 31.52 6.81
N ILE C 154 3.47 30.81 5.70
CA ILE C 154 4.69 30.81 4.90
C ILE C 154 4.62 31.97 3.90
N HIS C 155 5.44 33.01 4.10
CA HIS C 155 5.45 34.20 3.21
C HIS C 155 6.51 34.12 2.12
N THR C 156 6.12 34.22 0.85
CA THR C 156 7.12 34.16 -0.21
C THR C 156 7.16 35.47 -1.01
N PRO C 157 7.55 36.56 -0.36
CA PRO C 157 7.65 37.91 -0.91
C PRO C 157 8.24 38.13 -2.30
N LEU C 158 8.86 37.12 -2.88
CA LEU C 158 9.45 37.31 -4.21
C LEU C 158 8.84 36.36 -5.22
N MET C 159 7.73 35.73 -4.83
CA MET C 159 7.05 34.77 -5.67
C MET C 159 6.68 35.29 -7.05
N TRP C 160 6.28 36.56 -7.11
CA TRP C 160 5.88 37.15 -8.38
C TRP C 160 6.78 38.31 -8.81
N LEU C 161 8.07 38.18 -8.56
CA LEU C 161 9.01 39.22 -8.92
C LEU C 161 10.08 38.61 -9.80
N ASN C 162 10.73 39.44 -10.62
CA ASN C 162 11.81 38.97 -11.47
C ASN C 162 13.10 39.52 -10.88
N LYS C 163 14.21 39.20 -11.51
CA LYS C 163 15.49 39.67 -11.01
C LYS C 163 15.44 41.18 -10.87
N ALA C 164 14.98 41.85 -11.92
CA ALA C 164 14.86 43.31 -11.94
C ALA C 164 14.05 43.88 -10.78
N GLU C 165 12.89 43.27 -10.55
CA GLU C 165 11.99 43.69 -9.48
C GLU C 165 12.57 43.45 -8.09
N THR C 166 13.33 42.38 -7.92
CA THR C 166 13.92 42.05 -6.62
C THR C 166 14.96 43.07 -6.20
N TRP C 167 15.67 43.63 -7.19
CA TRP C 167 16.67 44.69 -6.96
C TRP C 167 15.90 45.95 -6.52
N LYS C 168 14.81 46.23 -7.24
CA LYS C 168 13.96 47.36 -6.94
C LYS C 168 13.48 47.24 -5.48
N LEU C 169 13.11 46.05 -5.06
CA LEU C 169 12.66 45.83 -3.70
C LEU C 169 13.78 46.08 -2.73
N ALA C 170 14.97 45.57 -3.05
CA ALA C 170 16.12 45.75 -2.18
C ALA C 170 16.36 47.25 -2.06
N ASP C 171 16.20 47.94 -3.18
CA ASP C 171 16.40 49.37 -3.20
C ASP C 171 15.34 50.05 -2.36
N GLU C 172 14.06 49.80 -2.66
CA GLU C 172 13.01 50.39 -1.87
C GLU C 172 13.35 50.23 -0.38
N LEU C 173 13.63 49.00 0.06
CA LEU C 173 13.97 48.78 1.46
C LEU C 173 15.16 49.63 1.89
N GLY C 174 15.74 50.35 0.93
CA GLY C 174 16.89 51.19 1.22
C GLY C 174 18.09 50.34 1.56
N ALA C 175 18.37 49.32 0.74
CA ALA C 175 19.50 48.45 0.99
C ALA C 175 20.22 47.98 -0.28
N LEU C 176 19.92 48.61 -1.41
CA LEU C 176 20.54 48.23 -2.67
C LEU C 176 22.05 47.99 -2.61
N ASP C 177 22.75 48.81 -1.82
CA ASP C 177 24.21 48.69 -1.69
C ASP C 177 24.62 47.44 -0.91
N PHE C 178 24.02 47.27 0.27
CA PHE C 178 24.29 46.14 1.14
C PHE C 178 24.14 44.81 0.40
N VAL C 179 23.03 44.65 -0.30
CA VAL C 179 22.76 43.45 -1.08
C VAL C 179 23.74 43.34 -2.23
N LYS C 180 23.96 44.46 -2.90
CA LYS C 180 24.86 44.52 -4.03
C LYS C 180 26.26 43.98 -3.73
N ASN C 181 26.82 44.37 -2.58
CA ASN C 181 28.17 43.97 -2.23
C ASN C 181 28.38 42.89 -1.17
N ASN C 182 27.33 42.50 -0.45
CA ASN C 182 27.52 41.48 0.59
C ASN C 182 26.95 40.10 0.37
N THR C 183 25.98 39.98 -0.52
CA THR C 183 25.34 38.69 -0.76
C THR C 183 26.12 37.81 -1.73
N LEU C 184 25.93 36.49 -1.61
CA LEU C 184 26.59 35.52 -2.48
C LEU C 184 25.56 34.84 -3.39
N THR C 185 25.73 35.00 -4.70
CA THR C 185 24.80 34.40 -5.67
C THR C 185 25.54 33.40 -6.52
N CYS C 186 26.71 33.81 -6.99
CA CYS C 186 27.56 32.98 -7.84
C CYS C 186 27.60 31.54 -7.36
N TYR C 187 27.52 30.60 -8.29
CA TYR C 187 27.60 29.18 -7.96
C TYR C 187 29.04 28.80 -7.61
N ASN C 188 29.91 29.80 -7.55
CA ASN C 188 31.32 29.53 -7.24
C ASN C 188 31.87 30.40 -6.10
N GLY C 189 31.08 30.52 -5.05
CA GLY C 189 31.47 31.28 -3.88
C GLY C 189 32.20 32.60 -4.04
N ILE C 190 31.94 33.33 -5.11
CA ILE C 190 32.58 34.63 -5.29
C ILE C 190 31.50 35.69 -4.99
N ILE C 191 31.68 36.39 -3.88
CA ILE C 191 30.76 37.42 -3.39
C ILE C 191 30.36 38.47 -4.41
N ALA C 192 29.25 39.16 -4.13
CA ALA C 192 28.71 40.21 -4.98
C ALA C 192 28.63 39.83 -6.45
N ASP C 193 29.36 40.55 -7.29
CA ASP C 193 29.36 40.30 -8.72
C ASP C 193 29.80 38.88 -9.09
N GLY C 194 30.54 38.24 -8.20
CA GLY C 194 30.96 36.87 -8.43
C GLY C 194 31.75 36.55 -9.67
N CYS C 195 31.77 35.27 -10.02
CA CYS C 195 32.51 34.81 -11.18
C CYS C 195 32.12 35.46 -12.51
N GLY C 196 30.88 35.90 -12.64
CA GLY C 196 30.46 36.53 -13.88
C GLY C 196 30.44 35.62 -15.09
N GLU C 197 30.74 34.33 -14.89
CA GLU C 197 30.73 33.37 -15.99
C GLU C 197 29.83 32.16 -15.72
N CYS C 198 28.88 32.29 -14.81
CA CYS C 198 27.97 31.19 -14.48
C CYS C 198 26.54 31.69 -14.49
N PRO C 199 25.58 30.79 -14.77
CA PRO C 199 24.15 31.10 -14.82
C PRO C 199 23.66 32.05 -13.73
N ALA C 200 23.75 31.62 -12.48
CA ALA C 200 23.31 32.46 -11.36
C ALA C 200 23.87 33.89 -11.47
N CYS C 201 25.17 34.01 -11.67
CA CYS C 201 25.82 35.31 -11.81
C CYS C 201 25.22 36.12 -12.95
N HIS C 202 25.09 35.49 -14.10
CA HIS C 202 24.52 36.15 -15.27
C HIS C 202 23.13 36.74 -15.01
N LEU C 203 22.20 35.89 -14.59
CA LEU C 203 20.84 36.32 -14.32
C LEU C 203 20.78 37.48 -13.32
N ARG C 204 21.62 37.41 -12.29
CA ARG C 204 21.66 38.44 -11.27
C ARG C 204 22.14 39.78 -11.84
N SER C 205 23.07 39.70 -12.76
CA SER C 205 23.64 40.88 -13.38
C SER C 205 22.65 41.50 -14.36
N LYS C 206 22.03 40.63 -15.16
CA LYS C 206 21.05 41.05 -16.14
C LYS C 206 19.93 41.79 -15.42
N GLY C 207 19.50 41.26 -14.30
CA GLY C 207 18.44 41.88 -13.54
C GLY C 207 18.88 43.18 -12.92
N TYR C 208 20.17 43.30 -12.62
CA TYR C 208 20.69 44.53 -12.02
C TYR C 208 20.67 45.68 -13.00
N GLU C 209 20.89 45.38 -14.27
CA GLU C 209 20.89 46.42 -15.30
C GLU C 209 19.48 46.83 -15.65
N GLU C 210 18.65 45.85 -16.00
CA GLU C 210 17.27 46.15 -16.33
C GLU C 210 16.75 47.13 -15.28
N TYR C 211 17.03 46.84 -14.01
CA TYR C 211 16.59 47.72 -12.95
C TYR C 211 17.16 49.12 -13.07
N MET C 212 18.44 49.22 -13.39
CA MET C 212 19.06 50.53 -13.53
C MET C 212 18.28 51.38 -14.54
N VAL C 213 17.97 50.81 -15.70
CA VAL C 213 17.24 51.56 -16.72
C VAL C 213 16.02 52.27 -16.13
N MET C 214 15.25 51.55 -15.32
CA MET C 214 14.06 52.14 -14.69
C MET C 214 14.44 53.22 -13.67
N LYS C 215 15.73 53.49 -13.56
CA LYS C 215 16.27 54.48 -12.62
C LYS C 215 15.99 54.10 -11.18
N LYS D 3 -22.10 3.87 15.90
CA LYS D 3 -21.09 4.31 14.90
C LYS D 3 -21.27 5.81 14.67
N GLU D 4 -21.31 6.21 13.39
CA GLU D 4 -21.52 7.60 13.02
C GLU D 4 -22.32 7.66 11.73
N LYS D 5 -22.72 8.88 11.36
CA LYS D 5 -23.52 9.14 10.17
C LYS D 5 -22.72 9.28 8.88
N ALA D 6 -23.33 8.86 7.77
CA ALA D 6 -22.69 8.95 6.47
C ALA D 6 -23.67 9.43 5.42
N ILE D 7 -23.21 10.35 4.57
CA ILE D 7 -24.03 10.90 3.49
C ILE D 7 -23.43 10.47 2.14
N VAL D 8 -24.19 9.71 1.36
CA VAL D 8 -23.72 9.23 0.05
C VAL D 8 -24.21 10.09 -1.12
N VAL D 9 -23.29 10.66 -1.89
CA VAL D 9 -23.68 11.46 -3.04
C VAL D 9 -24.15 10.37 -4.00
N PHE D 10 -25.47 10.34 -4.21
CA PHE D 10 -26.13 9.31 -5.02
C PHE D 10 -26.79 9.78 -6.32
N SER D 11 -26.65 8.95 -7.36
CA SER D 11 -27.24 9.27 -8.66
C SER D 11 -28.06 8.11 -9.21
N GLY D 12 -27.94 6.94 -8.58
CA GLY D 12 -28.68 5.79 -9.06
C GLY D 12 -27.94 5.03 -10.16
N GLY D 13 -26.71 5.45 -10.42
CA GLY D 13 -25.90 4.79 -11.41
C GLY D 13 -25.27 3.57 -10.76
N GLN D 14 -24.60 2.75 -11.55
CA GLN D 14 -23.96 1.55 -11.03
C GLN D 14 -23.11 1.91 -9.83
N ASP D 15 -22.17 2.82 -10.11
CA ASP D 15 -21.22 3.31 -9.13
C ASP D 15 -21.77 3.87 -7.82
N SER D 16 -22.40 5.03 -7.88
CA SER D 16 -22.92 5.63 -6.65
C SER D 16 -23.77 4.64 -5.89
N THR D 17 -24.51 3.82 -6.64
CA THR D 17 -25.36 2.81 -6.02
C THR D 17 -24.51 1.79 -5.25
N THR D 18 -23.49 1.23 -5.89
CA THR D 18 -22.62 0.28 -5.21
C THR D 18 -22.00 0.98 -4.01
N CYS D 19 -21.66 2.27 -4.16
CA CYS D 19 -21.10 3.02 -3.05
C CYS D 19 -22.08 3.10 -1.91
N LEU D 20 -23.37 3.20 -2.24
CA LEU D 20 -24.42 3.28 -1.22
C LEU D 20 -24.59 1.98 -0.47
N LEU D 21 -24.64 0.87 -1.21
CA LEU D 21 -24.77 -0.43 -0.61
C LEU D 21 -23.60 -0.67 0.34
N TRP D 22 -22.41 -0.31 -0.13
CA TRP D 22 -21.18 -0.45 0.65
C TRP D 22 -21.22 0.42 1.90
N ALA D 23 -21.82 1.60 1.78
CA ALA D 23 -21.92 2.51 2.91
C ALA D 23 -22.93 1.99 3.91
N LEU D 24 -23.91 1.23 3.42
CA LEU D 24 -24.95 0.68 4.27
C LEU D 24 -24.45 -0.30 5.32
N LYS D 25 -23.34 -0.98 5.04
CA LYS D 25 -22.81 -1.94 6.01
C LYS D 25 -21.47 -1.50 6.58
N GLU D 26 -21.18 -0.20 6.51
CA GLU D 26 -19.93 0.32 7.04
C GLU D 26 -20.28 1.28 8.15
N PHE D 27 -21.43 1.95 7.98
CA PHE D 27 -21.90 2.90 8.98
C PHE D 27 -23.33 2.56 9.34
N GLU D 28 -23.76 2.98 10.52
CA GLU D 28 -25.11 2.69 10.97
C GLU D 28 -26.11 3.61 10.29
N GLU D 29 -25.90 4.92 10.41
CA GLU D 29 -26.81 5.86 9.76
C GLU D 29 -26.30 6.27 8.38
N VAL D 30 -27.11 6.04 7.35
CA VAL D 30 -26.76 6.38 5.98
C VAL D 30 -27.88 7.16 5.31
N GLU D 31 -27.50 8.26 4.66
CA GLU D 31 -28.44 9.12 3.96
C GLU D 31 -27.85 9.48 2.61
N THR D 32 -28.69 9.93 1.68
CA THR D 32 -28.20 10.25 0.34
C THR D 32 -28.58 11.62 -0.19
N VAL D 33 -27.76 12.15 -1.10
CA VAL D 33 -28.00 13.44 -1.74
C VAL D 33 -28.01 13.18 -3.23
N THR D 34 -28.95 13.79 -3.95
CA THR D 34 -29.02 13.63 -5.40
C THR D 34 -29.09 15.01 -6.00
N PHE D 35 -28.24 15.25 -6.97
CA PHE D 35 -28.19 16.54 -7.60
C PHE D 35 -28.98 16.49 -8.89
N HIS D 36 -29.85 17.50 -9.08
CA HIS D 36 -30.68 17.60 -10.27
C HIS D 36 -30.74 19.03 -10.80
N TYR D 37 -31.72 19.32 -11.65
CA TYR D 37 -31.88 20.65 -12.23
C TYR D 37 -33.37 20.98 -12.52
N ASN D 38 -34.00 21.69 -11.60
CA ASN D 38 -35.39 22.11 -11.73
C ASN D 38 -36.42 21.05 -11.34
N GLN D 39 -36.88 20.26 -12.32
CA GLN D 39 -37.88 19.22 -12.07
C GLN D 39 -37.35 17.89 -11.54
N ARG D 40 -37.74 17.60 -10.30
CA ARG D 40 -37.37 16.37 -9.60
C ARG D 40 -38.11 15.22 -10.27
N HIS D 41 -38.17 15.29 -11.59
CA HIS D 41 -38.89 14.31 -12.39
C HIS D 41 -38.08 13.85 -13.59
N SER D 42 -36.76 13.76 -13.41
CA SER D 42 -35.86 13.28 -14.45
C SER D 42 -35.73 11.76 -14.25
N GLN D 43 -35.34 11.01 -15.29
CA GLN D 43 -35.23 9.57 -15.08
C GLN D 43 -33.95 9.18 -14.35
N GLU D 44 -33.25 10.19 -13.82
CA GLU D 44 -32.03 9.95 -13.06
C GLU D 44 -32.47 10.08 -11.62
N VAL D 45 -33.07 11.22 -11.31
CA VAL D 45 -33.55 11.47 -9.97
C VAL D 45 -34.67 10.49 -9.64
N GLU D 46 -35.35 10.00 -10.68
CA GLU D 46 -36.43 9.06 -10.47
C GLU D 46 -35.83 7.74 -9.98
N VAL D 47 -34.85 7.23 -10.72
CA VAL D 47 -34.19 5.98 -10.36
C VAL D 47 -33.55 6.08 -8.98
N ALA D 48 -32.94 7.23 -8.71
CA ALA D 48 -32.28 7.47 -7.44
C ALA D 48 -33.26 7.38 -6.29
N LYS D 49 -34.28 8.22 -6.32
CA LYS D 49 -35.30 8.25 -5.27
C LYS D 49 -35.91 6.86 -5.12
N SER D 50 -36.02 6.14 -6.24
CA SER D 50 -36.57 4.80 -6.23
C SER D 50 -35.67 3.85 -5.43
N ILE D 51 -34.44 3.67 -5.89
CA ILE D 51 -33.49 2.78 -5.22
C ILE D 51 -33.40 3.17 -3.76
N ALA D 52 -33.36 4.47 -3.51
CA ALA D 52 -33.30 4.96 -2.13
C ALA D 52 -34.45 4.34 -1.35
N GLU D 53 -35.67 4.75 -1.69
CA GLU D 53 -36.89 4.26 -1.05
C GLU D 53 -36.80 2.74 -0.87
N LYS D 54 -36.51 2.04 -1.96
CA LYS D 54 -36.39 0.59 -1.92
C LYS D 54 -35.63 0.16 -0.67
N LEU D 55 -34.42 0.69 -0.49
CA LEU D 55 -33.63 0.31 0.68
C LEU D 55 -33.53 1.40 1.76
N GLY D 56 -34.67 1.88 2.22
CA GLY D 56 -34.70 2.89 3.25
C GLY D 56 -33.94 4.15 2.89
N VAL D 57 -33.01 4.54 3.76
CA VAL D 57 -32.19 5.71 3.54
C VAL D 57 -32.87 6.93 2.92
N LYS D 58 -32.87 8.04 3.65
CA LYS D 58 -33.45 9.27 3.16
C LYS D 58 -32.71 9.65 1.89
N ASN D 59 -33.25 10.60 1.16
CA ASN D 59 -32.63 11.07 -0.06
C ASN D 59 -32.92 12.52 -0.31
N HIS D 60 -32.04 13.41 0.13
CA HIS D 60 -32.23 14.84 -0.10
C HIS D 60 -31.97 15.12 -1.58
N LEU D 61 -32.48 16.24 -2.04
CA LEU D 61 -32.28 16.64 -3.43
C LEU D 61 -31.75 18.05 -3.39
N LEU D 62 -30.85 18.36 -4.31
CA LEU D 62 -30.30 19.69 -4.38
C LEU D 62 -30.45 20.17 -5.82
N ASP D 63 -31.04 21.34 -5.98
CA ASP D 63 -31.23 21.89 -7.30
C ASP D 63 -29.95 22.59 -7.73
N MET D 64 -29.11 21.90 -8.49
CA MET D 64 -27.85 22.50 -8.95
C MET D 64 -28.03 23.18 -10.28
N SER D 65 -29.27 23.51 -10.60
CA SER D 65 -29.58 24.16 -11.88
C SER D 65 -28.86 25.49 -12.04
N LEU D 66 -28.87 26.27 -10.96
CA LEU D 66 -28.23 27.58 -10.93
C LEU D 66 -26.72 27.50 -11.23
N LEU D 67 -26.18 26.29 -11.21
CA LEU D 67 -24.76 26.09 -11.47
C LEU D 67 -24.43 26.37 -12.92
N ASN D 68 -25.45 26.49 -13.76
CA ASN D 68 -25.22 26.74 -15.17
C ASN D 68 -24.94 28.18 -15.54
N GLN D 69 -25.01 29.07 -14.56
CA GLN D 69 -24.70 30.47 -14.79
C GLN D 69 -23.26 30.49 -15.27
N LEU D 70 -22.52 29.46 -14.85
CA LEU D 70 -21.11 29.30 -15.18
C LEU D 70 -20.88 28.57 -16.49
N ALA D 71 -21.94 27.99 -17.05
CA ALA D 71 -21.83 27.29 -18.34
C ALA D 71 -21.44 28.34 -19.38
N PRO D 72 -20.52 27.98 -20.29
CA PRO D 72 -20.03 28.86 -21.36
C PRO D 72 -21.00 29.90 -21.94
N ASN D 73 -21.75 29.50 -22.97
CA ASN D 73 -22.70 30.40 -23.65
C ASN D 73 -23.64 31.18 -22.71
N ALA D 74 -23.75 30.73 -21.46
CA ALA D 74 -24.63 31.40 -20.51
C ALA D 74 -23.99 32.68 -19.96
N LEU D 75 -22.77 32.97 -20.42
CA LEU D 75 -22.03 34.15 -19.97
C LEU D 75 -22.23 35.39 -20.84
N THR D 76 -23.35 35.43 -21.56
CA THR D 76 -23.72 36.56 -22.44
C THR D 76 -25.19 36.48 -22.86
N SER D 91 -21.05 22.98 -25.30
CA SER D 91 -20.71 24.31 -24.82
C SER D 91 -21.55 24.70 -23.62
N THR D 92 -21.83 23.73 -22.76
CA THR D 92 -22.63 23.98 -21.55
C THR D 92 -22.11 23.24 -20.31
N PHE D 93 -20.85 22.81 -20.36
CA PHE D 93 -20.25 22.11 -19.24
C PHE D 93 -19.60 23.10 -18.27
N VAL D 94 -19.53 22.71 -17.01
CA VAL D 94 -18.91 23.53 -15.98
C VAL D 94 -17.67 22.76 -15.54
N PRO D 95 -16.48 23.30 -15.81
CA PRO D 95 -15.23 22.62 -15.44
C PRO D 95 -15.08 22.41 -13.93
N GLY D 96 -14.51 21.27 -13.55
CA GLY D 96 -14.33 20.96 -12.15
C GLY D 96 -15.57 21.21 -11.33
N ARG D 97 -16.69 20.59 -11.70
CA ARG D 97 -17.89 20.81 -10.94
C ARG D 97 -17.96 19.92 -9.71
N ASN D 98 -17.16 18.86 -9.68
CA ASN D 98 -17.14 17.98 -8.50
C ASN D 98 -16.75 18.81 -7.29
N LEU D 99 -15.94 19.83 -7.51
CA LEU D 99 -15.53 20.70 -6.42
C LEU D 99 -16.84 21.16 -5.79
N VAL D 100 -17.74 21.69 -6.61
CA VAL D 100 -19.03 22.17 -6.16
C VAL D 100 -19.89 21.08 -5.54
N PHE D 101 -19.94 19.91 -6.17
CA PHE D 101 -20.76 18.82 -5.62
C PHE D 101 -20.28 18.39 -4.25
N LEU D 102 -18.97 18.22 -4.11
CA LEU D 102 -18.41 17.81 -2.84
C LEU D 102 -18.58 18.95 -1.85
N SER D 103 -18.42 20.20 -2.32
CA SER D 103 -18.60 21.37 -1.46
C SER D 103 -19.99 21.33 -0.87
N PHE D 104 -21.00 21.15 -1.73
CA PHE D 104 -22.36 21.13 -1.27
C PHE D 104 -22.71 19.91 -0.41
N ALA D 105 -22.21 18.74 -0.79
CA ALA D 105 -22.48 17.52 -0.01
C ALA D 105 -21.89 17.67 1.38
N SER D 106 -20.82 18.45 1.49
CA SER D 106 -20.17 18.69 2.77
C SER D 106 -20.93 19.69 3.64
N ILE D 107 -21.52 20.70 3.02
CA ILE D 107 -22.29 21.66 3.78
C ILE D 107 -23.53 20.88 4.25
N LEU D 108 -24.10 20.08 3.36
CA LEU D 108 -25.27 19.28 3.70
C LEU D 108 -24.92 18.32 4.86
N ALA D 109 -23.83 17.58 4.69
CA ALA D 109 -23.36 16.64 5.71
C ALA D 109 -23.31 17.37 7.05
N TYR D 110 -22.66 18.53 7.03
CA TYR D 110 -22.53 19.35 8.22
C TYR D 110 -23.86 19.61 8.89
N GLN D 111 -24.87 20.03 8.11
CA GLN D 111 -26.19 20.32 8.63
C GLN D 111 -26.85 19.08 9.19
N ILE D 112 -26.84 17.98 8.46
CA ILE D 112 -27.48 16.79 8.97
C ILE D 112 -26.59 16.02 9.93
N GLY D 113 -25.51 16.66 10.38
CA GLY D 113 -24.61 16.01 11.32
C GLY D 113 -23.98 14.71 10.88
N ALA D 114 -23.30 14.73 9.74
CA ALA D 114 -22.64 13.54 9.21
C ALA D 114 -21.13 13.81 9.11
N ARG D 115 -20.32 12.82 9.45
CA ARG D 115 -18.88 13.00 9.38
C ARG D 115 -18.37 12.45 8.06
N HIS D 116 -18.96 11.33 7.65
CA HIS D 116 -18.58 10.66 6.43
C HIS D 116 -19.42 11.04 5.21
N ILE D 117 -18.72 11.38 4.14
CA ILE D 117 -19.32 11.75 2.89
C ILE D 117 -18.81 10.74 1.87
N ILE D 118 -19.65 9.85 1.39
CA ILE D 118 -19.19 8.86 0.41
C ILE D 118 -19.49 9.33 -1.01
N THR D 119 -18.60 9.03 -1.94
CA THR D 119 -18.78 9.45 -3.32
C THR D 119 -18.25 8.40 -4.28
N GLY D 120 -18.95 8.24 -5.39
CA GLY D 120 -18.55 7.24 -6.36
C GLY D 120 -17.44 7.59 -7.32
N VAL D 121 -16.97 8.84 -7.33
CA VAL D 121 -15.90 9.17 -8.25
C VAL D 121 -14.72 8.19 -8.15
N CYS D 122 -14.13 7.84 -9.29
CA CYS D 122 -13.00 6.93 -9.30
C CYS D 122 -11.91 7.39 -10.28
N GLU D 123 -10.85 6.59 -10.43
CA GLU D 123 -9.76 6.98 -11.32
C GLU D 123 -8.82 5.80 -11.57
N GLY D 128 -10.70 10.39 -15.70
CA GLY D 128 -9.95 11.04 -16.77
C GLY D 128 -9.88 12.55 -16.66
N TYR D 129 -10.75 13.15 -15.86
CA TYR D 129 -10.75 14.59 -15.67
C TYR D 129 -10.10 14.94 -14.34
N PRO D 130 -9.43 16.10 -14.28
CA PRO D 130 -8.76 16.53 -13.05
C PRO D 130 -9.56 16.39 -11.77
N ASP D 131 -10.84 16.78 -11.79
CA ASP D 131 -11.66 16.70 -10.58
C ASP D 131 -12.21 15.32 -10.25
N CYS D 132 -11.53 14.28 -10.72
CA CYS D 132 -11.93 12.91 -10.46
C CYS D 132 -10.75 12.18 -9.85
N ARG D 133 -9.62 12.87 -9.76
CA ARG D 133 -8.38 12.32 -9.23
C ARG D 133 -8.35 12.23 -7.69
N ASP D 134 -7.72 11.17 -7.19
CA ASP D 134 -7.57 10.93 -5.77
C ASP D 134 -6.97 12.17 -5.10
N GLU D 135 -6.00 12.75 -5.80
CA GLU D 135 -5.30 13.96 -5.36
C GLU D 135 -6.33 15.03 -5.08
N PHE D 136 -7.15 15.32 -6.09
CA PHE D 136 -8.19 16.34 -5.96
C PHE D 136 -9.12 16.04 -4.81
N VAL D 137 -9.69 14.84 -4.79
CA VAL D 137 -10.61 14.48 -3.74
C VAL D 137 -10.00 14.71 -2.36
N LYS D 138 -8.74 14.29 -2.21
CA LYS D 138 -8.03 14.44 -0.93
C LYS D 138 -7.81 15.90 -0.54
N SER D 139 -7.33 16.70 -1.49
CA SER D 139 -7.13 18.12 -1.22
C SER D 139 -8.47 18.74 -0.89
N CYS D 140 -9.52 18.23 -1.53
CA CYS D 140 -10.87 18.71 -1.33
C CYS D 140 -11.35 18.47 0.09
N ASN D 141 -11.09 17.27 0.59
CA ASN D 141 -11.49 16.91 1.93
C ASN D 141 -10.83 17.83 2.95
N VAL D 142 -9.61 18.27 2.67
CA VAL D 142 -8.91 19.15 3.60
C VAL D 142 -9.59 20.51 3.57
N THR D 143 -9.87 21.00 2.38
CA THR D 143 -10.51 22.30 2.19
C THR D 143 -11.84 22.40 2.91
N VAL D 144 -12.67 21.36 2.82
CA VAL D 144 -13.96 21.41 3.49
C VAL D 144 -13.77 21.40 5.01
N ASN D 145 -12.87 20.55 5.50
CA ASN D 145 -12.65 20.48 6.95
C ASN D 145 -12.23 21.84 7.47
N LEU D 146 -11.41 22.54 6.70
CA LEU D 146 -10.93 23.85 7.08
C LEU D 146 -11.97 24.93 6.94
N ALA D 147 -12.87 24.75 5.97
CA ALA D 147 -13.90 25.73 5.72
C ALA D 147 -14.99 25.68 6.78
N MET D 148 -15.20 24.50 7.38
CA MET D 148 -16.26 24.39 8.35
C MET D 148 -15.88 23.81 9.69
N GLU D 149 -14.60 23.93 10.06
CA GLU D 149 -14.10 23.40 11.33
C GLU D 149 -14.75 22.07 11.75
N LYS D 150 -14.62 21.05 10.90
CA LYS D 150 -15.19 19.73 11.17
C LYS D 150 -14.32 18.63 10.56
N PRO D 151 -14.09 17.54 11.31
CA PRO D 151 -13.28 16.37 10.92
C PRO D 151 -13.92 15.51 9.83
N PHE D 152 -14.34 16.10 8.72
CA PHE D 152 -14.95 15.33 7.64
C PHE D 152 -14.03 14.31 7.02
N VAL D 153 -14.62 13.26 6.51
CA VAL D 153 -13.91 12.19 5.84
C VAL D 153 -14.62 11.84 4.52
N ILE D 154 -14.04 12.22 3.41
CA ILE D 154 -14.62 11.92 2.10
C ILE D 154 -14.11 10.54 1.67
N HIS D 155 -14.96 9.50 1.68
CA HIS D 155 -14.57 8.13 1.29
C HIS D 155 -14.82 7.83 -0.19
N THR D 156 -13.81 7.41 -0.96
CA THR D 156 -14.05 7.11 -2.37
C THR D 156 -13.76 5.63 -2.66
N PRO D 157 -14.56 4.72 -2.10
CA PRO D 157 -14.44 3.26 -2.24
C PRO D 157 -14.22 2.63 -3.60
N LEU D 158 -14.31 3.38 -4.68
CA LEU D 158 -14.10 2.77 -5.99
C LEU D 158 -12.96 3.46 -6.71
N MET D 159 -12.23 4.30 -5.98
CA MET D 159 -11.10 5.07 -6.53
C MET D 159 -10.10 4.24 -7.31
N TRP D 160 -9.81 3.04 -6.81
CA TRP D 160 -8.84 2.15 -7.41
C TRP D 160 -9.46 0.84 -7.93
N LEU D 161 -10.68 0.92 -8.43
CA LEU D 161 -11.35 -0.25 -8.96
C LEU D 161 -11.75 0.00 -10.40
N ASN D 162 -11.81 -1.08 -11.19
CA ASN D 162 -12.21 -0.95 -12.59
C ASN D 162 -13.64 -1.44 -12.66
N LYS D 163 -14.23 -1.33 -13.85
CA LYS D 163 -15.61 -1.75 -14.06
C LYS D 163 -15.77 -3.17 -13.51
N ALA D 164 -14.89 -4.06 -13.93
CA ALA D 164 -14.91 -5.45 -13.49
C ALA D 164 -14.90 -5.59 -11.97
N GLU D 165 -14.00 -4.88 -11.32
CA GLU D 165 -13.86 -4.92 -9.88
C GLU D 165 -15.06 -4.36 -9.12
N THR D 166 -15.72 -3.35 -9.71
CA THR D 166 -16.87 -2.73 -9.07
C THR D 166 -18.05 -3.70 -9.04
N TRP D 167 -18.17 -4.55 -10.07
CA TRP D 167 -19.21 -5.58 -10.16
C TRP D 167 -18.93 -6.61 -9.05
N LYS D 168 -17.66 -6.99 -8.95
CA LYS D 168 -17.20 -7.93 -7.93
C LYS D 168 -17.59 -7.38 -6.55
N LEU D 169 -17.42 -6.08 -6.35
CA LEU D 169 -17.76 -5.47 -5.08
C LEU D 169 -19.25 -5.56 -4.85
N ALA D 170 -20.02 -5.23 -5.88
CA ALA D 170 -21.48 -5.27 -5.78
C ALA D 170 -21.87 -6.68 -5.40
N ASP D 171 -21.20 -7.64 -6.04
CA ASP D 171 -21.46 -9.05 -5.77
C ASP D 171 -21.08 -9.40 -4.33
N GLU D 172 -19.84 -9.12 -3.94
CA GLU D 172 -19.43 -9.41 -2.58
C GLU D 172 -20.50 -8.86 -1.64
N LEU D 173 -20.89 -7.60 -1.81
CA LEU D 173 -21.92 -7.02 -0.96
C LEU D 173 -23.22 -7.82 -1.02
N GLY D 174 -23.25 -8.80 -1.91
CA GLY D 174 -24.45 -9.61 -2.05
C GLY D 174 -25.56 -8.80 -2.66
N ALA D 175 -25.27 -8.11 -3.76
CA ALA D 175 -26.28 -7.29 -4.41
C ALA D 175 -26.12 -7.21 -5.93
N LEU D 176 -25.34 -8.12 -6.50
CA LEU D 176 -25.10 -8.14 -7.94
C LEU D 176 -26.38 -8.01 -8.78
N ASP D 177 -27.45 -8.66 -8.33
CA ASP D 177 -28.73 -8.62 -9.05
C ASP D 177 -29.38 -7.24 -8.99
N PHE D 178 -29.49 -6.71 -7.77
CA PHE D 178 -30.11 -5.41 -7.53
C PHE D 178 -29.48 -4.31 -8.38
N VAL D 179 -28.15 -4.27 -8.40
CA VAL D 179 -27.41 -3.29 -9.16
C VAL D 179 -27.57 -3.60 -10.64
N LYS D 180 -27.50 -4.87 -10.98
CA LYS D 180 -27.63 -5.30 -12.35
C LYS D 180 -28.91 -4.81 -13.04
N ASN D 181 -30.04 -4.94 -12.36
CA ASN D 181 -31.31 -4.55 -12.95
C ASN D 181 -31.97 -3.24 -12.52
N ASN D 182 -31.49 -2.58 -11.47
CA ASN D 182 -32.12 -1.33 -11.01
C ASN D 182 -31.38 0.00 -11.23
N THR D 183 -30.07 -0.06 -11.41
CA THR D 183 -29.31 1.18 -11.59
C THR D 183 -29.35 1.69 -13.03
N LEU D 184 -29.13 2.99 -13.19
CA LEU D 184 -29.13 3.61 -14.51
C LEU D 184 -27.71 4.09 -14.85
N THR D 185 -27.15 3.60 -15.95
CA THR D 185 -25.81 3.98 -16.37
C THR D 185 -25.83 4.65 -17.73
N CYS D 186 -26.60 4.05 -18.63
CA CYS D 186 -26.73 4.52 -19.99
C CYS D 186 -26.94 6.02 -20.01
N TYR D 187 -26.29 6.68 -20.97
CA TYR D 187 -26.44 8.13 -21.14
C TYR D 187 -27.81 8.49 -21.75
N ASN D 188 -28.68 7.50 -21.90
CA ASN D 188 -29.99 7.74 -22.48
C ASN D 188 -31.14 7.19 -21.66
N GLY D 189 -31.07 7.39 -20.35
CA GLY D 189 -32.12 6.94 -19.45
C GLY D 189 -32.72 5.55 -19.61
N ILE D 190 -31.95 4.60 -20.12
CA ILE D 190 -32.47 3.25 -20.26
C ILE D 190 -31.84 2.42 -19.14
N ILE D 191 -32.69 2.01 -18.19
CA ILE D 191 -32.27 1.24 -17.02
C ILE D 191 -31.46 -0.02 -17.33
N ALA D 192 -30.78 -0.52 -16.30
CA ALA D 192 -29.95 -1.72 -16.39
C ALA D 192 -29.05 -1.73 -17.63
N ASP D 193 -29.23 -2.73 -18.48
CA ASP D 193 -28.43 -2.86 -19.69
C ASP D 193 -28.47 -1.65 -20.61
N GLY D 194 -29.51 -0.83 -20.47
CA GLY D 194 -29.64 0.38 -21.27
C GLY D 194 -29.56 0.28 -22.78
N CYS D 195 -29.31 1.41 -23.42
CA CYS D 195 -29.25 1.48 -24.86
C CYS D 195 -28.27 0.53 -25.52
N GLY D 196 -27.20 0.19 -24.82
CA GLY D 196 -26.21 -0.73 -25.38
C GLY D 196 -25.43 -0.16 -26.55
N GLU D 197 -25.69 1.08 -26.94
CA GLU D 197 -24.98 1.69 -28.06
C GLU D 197 -24.24 2.99 -27.69
N CYS D 198 -24.03 3.22 -26.40
CA CYS D 198 -23.32 4.41 -25.95
C CYS D 198 -22.17 4.05 -25.02
N PRO D 199 -21.14 4.91 -24.95
CA PRO D 199 -19.95 4.70 -24.12
C PRO D 199 -20.23 4.15 -22.72
N ALA D 200 -20.99 4.88 -21.91
CA ALA D 200 -21.29 4.41 -20.56
C ALA D 200 -21.79 2.97 -20.60
N CYS D 201 -22.78 2.71 -21.44
CA CYS D 201 -23.35 1.38 -21.56
C CYS D 201 -22.29 0.34 -21.87
N HIS D 202 -21.50 0.62 -22.91
CA HIS D 202 -20.45 -0.28 -23.34
C HIS D 202 -19.48 -0.66 -22.22
N LEU D 203 -18.87 0.35 -21.61
CA LEU D 203 -17.92 0.12 -20.52
C LEU D 203 -18.51 -0.73 -19.40
N ARG D 204 -19.76 -0.43 -19.03
CA ARG D 204 -20.45 -1.16 -17.97
C ARG D 204 -20.65 -2.62 -18.32
N SER D 205 -20.95 -2.86 -19.60
CA SER D 205 -21.19 -4.21 -20.10
C SER D 205 -19.88 -4.99 -20.16
N LYS D 206 -18.85 -4.34 -20.70
CA LYS D 206 -17.53 -4.93 -20.82
C LYS D 206 -17.05 -5.35 -19.44
N GLY D 207 -17.30 -4.50 -18.45
CA GLY D 207 -16.87 -4.81 -17.11
C GLY D 207 -17.68 -5.93 -16.51
N TYR D 208 -18.92 -6.05 -16.93
CA TYR D 208 -19.78 -7.10 -16.41
C TYR D 208 -19.32 -8.48 -16.85
N GLU D 209 -18.80 -8.56 -18.07
CA GLU D 209 -18.32 -9.83 -18.60
C GLU D 209 -16.98 -10.22 -17.99
N GLU D 210 -16.00 -9.32 -18.09
CA GLU D 210 -14.69 -9.58 -17.52
C GLU D 210 -14.93 -10.18 -16.15
N TYR D 211 -15.83 -9.57 -15.38
CA TYR D 211 -16.12 -10.07 -14.05
C TYR D 211 -16.66 -11.50 -14.07
N MET D 212 -17.53 -11.79 -15.03
CA MET D 212 -18.08 -13.14 -15.10
C MET D 212 -16.96 -14.16 -15.25
N VAL D 213 -16.00 -13.91 -16.16
CA VAL D 213 -14.91 -14.86 -16.37
C VAL D 213 -14.29 -15.27 -15.03
N MET D 214 -14.01 -14.30 -14.16
CA MET D 214 -13.41 -14.60 -12.87
C MET D 214 -14.37 -15.40 -11.99
N LYS D 215 -15.54 -15.73 -12.53
CA LYS D 215 -16.58 -16.47 -11.80
C LYS D 215 -17.11 -15.69 -10.59
N LYS E 3 -3.15 -32.11 -9.23
CA LYS E 3 -3.87 -32.08 -7.95
C LYS E 3 -5.30 -32.63 -8.07
N GLU E 4 -5.58 -33.62 -7.21
CA GLU E 4 -6.89 -34.29 -7.10
C GLU E 4 -7.21 -34.29 -5.60
N LYS E 5 -8.01 -35.24 -5.11
CA LYS E 5 -8.39 -35.22 -3.69
C LYS E 5 -7.57 -36.08 -2.74
N ALA E 6 -7.23 -35.50 -1.59
CA ALA E 6 -6.45 -36.22 -0.60
C ALA E 6 -7.09 -36.05 0.76
N ILE E 7 -6.77 -36.95 1.68
CA ILE E 7 -7.30 -36.93 3.05
C ILE E 7 -6.14 -37.13 4.05
N VAL E 8 -6.04 -36.25 5.04
CA VAL E 8 -4.97 -36.32 6.04
C VAL E 8 -5.44 -36.86 7.40
N VAL E 9 -4.64 -37.73 8.03
CA VAL E 9 -4.97 -38.31 9.33
C VAL E 9 -4.54 -37.24 10.29
N PHE E 10 -5.50 -36.46 10.75
CA PHE E 10 -5.23 -35.32 11.61
C PHE E 10 -5.55 -35.52 13.08
N SER E 11 -4.80 -34.84 13.96
CA SER E 11 -5.00 -34.94 15.40
C SER E 11 -4.67 -33.65 16.14
N GLY E 12 -4.08 -32.69 15.44
CA GLY E 12 -3.75 -31.44 16.10
C GLY E 12 -2.32 -31.32 16.60
N GLY E 13 -1.51 -32.32 16.33
CA GLY E 13 -0.12 -32.23 16.76
C GLY E 13 0.74 -31.54 15.72
N GLN E 14 2.01 -31.37 16.04
CA GLN E 14 2.93 -30.72 15.13
C GLN E 14 3.07 -31.48 13.83
N ASP E 15 3.27 -32.79 13.93
CA ASP E 15 3.48 -33.64 12.76
C ASP E 15 2.30 -33.75 11.78
N SER E 16 1.09 -33.93 12.30
CA SER E 16 -0.09 -34.05 11.44
C SER E 16 -0.44 -32.70 10.84
N THR E 17 -0.37 -31.67 11.67
CA THR E 17 -0.68 -30.34 11.16
C THR E 17 0.26 -30.04 10.02
N THR E 18 1.55 -30.19 10.26
CA THR E 18 2.53 -29.94 9.22
C THR E 18 2.20 -30.76 7.98
N CYS E 19 1.58 -31.92 8.16
CA CYS E 19 1.22 -32.75 7.03
C CYS E 19 0.01 -32.20 6.29
N LEU E 20 -0.91 -31.60 7.02
CA LEU E 20 -2.12 -31.03 6.43
C LEU E 20 -1.70 -29.83 5.57
N LEU E 21 -0.84 -28.99 6.15
CA LEU E 21 -0.32 -27.82 5.47
C LEU E 21 0.44 -28.30 4.24
N TRP E 22 1.30 -29.29 4.43
CA TRP E 22 2.06 -29.84 3.32
C TRP E 22 1.06 -30.32 2.27
N ALA E 23 0.03 -31.01 2.74
CA ALA E 23 -1.00 -31.57 1.86
C ALA E 23 -1.74 -30.46 1.11
N LEU E 24 -2.08 -29.41 1.85
CA LEU E 24 -2.80 -28.27 1.29
C LEU E 24 -2.12 -27.64 0.08
N LYS E 25 -0.80 -27.70 0.04
CA LYS E 25 -0.05 -27.13 -1.06
C LYS E 25 0.09 -28.10 -2.21
N GLU E 26 0.03 -29.39 -1.91
CA GLU E 26 0.20 -30.40 -2.94
C GLU E 26 -1.08 -30.84 -3.62
N PHE E 27 -2.21 -30.62 -2.98
CA PHE E 27 -3.48 -31.06 -3.57
C PHE E 27 -4.61 -30.05 -3.77
N GLU E 28 -5.46 -30.38 -4.73
CA GLU E 28 -6.62 -29.57 -5.07
C GLU E 28 -7.58 -29.47 -3.88
N GLU E 29 -8.13 -30.61 -3.44
CA GLU E 29 -9.06 -30.64 -2.32
C GLU E 29 -8.48 -31.47 -1.17
N VAL E 30 -8.73 -31.05 0.07
CA VAL E 30 -8.18 -31.75 1.23
C VAL E 30 -9.13 -31.91 2.43
N GLU E 31 -9.24 -33.13 2.95
CA GLU E 31 -10.08 -33.39 4.10
C GLU E 31 -9.27 -34.06 5.20
N THR E 32 -9.76 -34.00 6.43
CA THR E 32 -9.06 -34.60 7.55
C THR E 32 -9.90 -35.59 8.35
N VAL E 33 -9.20 -36.57 8.94
CA VAL E 33 -9.79 -37.59 9.77
C VAL E 33 -9.15 -37.50 11.14
N THR E 34 -9.96 -37.43 12.18
CA THR E 34 -9.41 -37.39 13.53
C THR E 34 -10.02 -38.57 14.26
N PHE E 35 -9.16 -39.41 14.84
CA PHE E 35 -9.58 -40.59 15.58
C PHE E 35 -9.61 -40.25 17.06
N HIS E 36 -10.52 -40.86 17.80
CA HIS E 36 -10.64 -40.60 19.22
C HIS E 36 -11.21 -41.82 19.94
N TYR E 37 -11.18 -41.79 21.26
CA TYR E 37 -11.69 -42.90 22.04
C TYR E 37 -12.93 -42.52 22.85
N ASN E 38 -13.99 -42.17 22.12
CA ASN E 38 -15.28 -41.77 22.68
C ASN E 38 -15.32 -40.35 23.24
N GLN E 39 -14.15 -39.70 23.29
CA GLN E 39 -14.05 -38.33 23.78
C GLN E 39 -14.25 -37.32 22.64
N ARG E 40 -15.44 -37.35 22.06
CA ARG E 40 -15.78 -36.46 20.95
C ARG E 40 -15.46 -35.00 21.24
N HIS E 41 -15.34 -34.62 22.51
CA HIS E 41 -15.02 -33.23 22.85
C HIS E 41 -13.75 -33.08 23.69
N SER E 42 -12.85 -34.05 23.55
CA SER E 42 -11.59 -34.03 24.28
C SER E 42 -10.75 -32.83 23.88
N GLN E 43 -9.70 -32.60 24.64
CA GLN E 43 -8.80 -31.49 24.39
C GLN E 43 -8.07 -31.69 23.08
N GLU E 44 -8.07 -32.93 22.57
CA GLU E 44 -7.39 -33.22 21.30
C GLU E 44 -8.27 -32.88 20.12
N VAL E 45 -9.48 -33.43 20.13
CA VAL E 45 -10.44 -33.21 19.06
C VAL E 45 -10.82 -31.75 18.98
N GLU E 46 -10.90 -31.11 20.13
CA GLU E 46 -11.21 -29.69 20.17
C GLU E 46 -10.11 -28.95 19.40
N VAL E 47 -8.90 -29.00 19.95
CA VAL E 47 -7.73 -28.36 19.36
C VAL E 47 -7.54 -28.74 17.89
N ALA E 48 -8.03 -29.91 17.52
CA ALA E 48 -7.90 -30.39 16.15
C ALA E 48 -8.96 -29.73 15.29
N LYS E 49 -10.21 -29.83 15.70
CA LYS E 49 -11.29 -29.22 14.94
C LYS E 49 -10.98 -27.72 14.80
N SER E 50 -10.55 -27.14 15.93
CA SER E 50 -10.21 -25.73 15.96
C SER E 50 -9.27 -25.43 14.81
N ILE E 51 -8.10 -26.02 14.85
CA ILE E 51 -7.11 -25.80 13.81
C ILE E 51 -7.63 -26.27 12.46
N ALA E 52 -8.63 -27.16 12.49
CA ALA E 52 -9.23 -27.69 11.27
C ALA E 52 -9.96 -26.57 10.56
N GLU E 53 -10.75 -25.82 11.32
CA GLU E 53 -11.54 -24.70 10.79
C GLU E 53 -10.70 -23.52 10.34
N LYS E 54 -9.59 -23.27 11.02
CA LYS E 54 -8.73 -22.14 10.68
C LYS E 54 -8.28 -22.13 9.22
N LEU E 55 -7.96 -23.29 8.66
CA LEU E 55 -7.54 -23.32 7.25
C LEU E 55 -8.51 -24.04 6.32
N GLY E 56 -9.77 -24.14 6.75
CA GLY E 56 -10.78 -24.79 5.95
C GLY E 56 -10.77 -26.28 6.19
N VAL E 57 -10.84 -27.05 5.11
CA VAL E 57 -10.82 -28.50 5.19
C VAL E 57 -11.83 -29.11 6.15
N LYS E 58 -12.75 -29.88 5.58
CA LYS E 58 -13.76 -30.57 6.36
C LYS E 58 -12.99 -31.53 7.26
N ASN E 59 -13.53 -31.82 8.44
CA ASN E 59 -12.87 -32.73 9.36
C ASN E 59 -13.81 -33.77 9.91
N HIS E 60 -13.79 -34.98 9.32
CA HIS E 60 -14.63 -36.08 9.79
C HIS E 60 -14.05 -36.61 11.09
N LEU E 61 -14.81 -37.42 11.81
CA LEU E 61 -14.33 -37.96 13.08
C LEU E 61 -14.69 -39.45 13.13
N LEU E 62 -13.90 -40.24 13.86
CA LEU E 62 -14.17 -41.67 13.99
C LEU E 62 -13.84 -42.18 15.38
N ASP E 63 -14.85 -42.71 16.06
CA ASP E 63 -14.62 -43.25 17.38
C ASP E 63 -13.92 -44.58 17.21
N MET E 64 -12.66 -44.66 17.62
CA MET E 64 -11.90 -45.90 17.52
C MET E 64 -11.74 -46.49 18.91
N SER E 65 -12.84 -46.70 19.61
CA SER E 65 -12.74 -47.25 20.95
C SER E 65 -12.92 -48.76 20.97
N LEU E 66 -13.54 -49.31 19.94
CA LEU E 66 -13.74 -50.76 19.88
C LEU E 66 -12.36 -51.41 19.94
N LEU E 67 -11.36 -50.67 19.47
CA LEU E 67 -10.00 -51.14 19.44
C LEU E 67 -9.43 -51.43 20.85
N ASN E 68 -10.16 -51.05 21.89
CA ASN E 68 -9.67 -51.29 23.26
C ASN E 68 -10.01 -52.68 23.76
N GLN E 69 -10.89 -53.37 23.04
CA GLN E 69 -11.27 -54.75 23.36
C GLN E 69 -10.03 -55.62 23.19
N LEU E 70 -9.10 -55.14 22.39
CA LEU E 70 -7.89 -55.88 22.14
C LEU E 70 -6.81 -55.65 23.17
N ALA E 71 -6.97 -54.59 23.97
CA ALA E 71 -5.99 -54.29 25.01
C ALA E 71 -5.92 -55.48 25.95
N PRO E 72 -4.72 -55.82 26.43
CA PRO E 72 -4.50 -56.94 27.34
C PRO E 72 -5.65 -57.13 28.34
N ASN E 73 -5.76 -56.16 29.24
CA ASN E 73 -6.77 -56.12 30.29
C ASN E 73 -8.19 -56.41 29.81
N ALA E 74 -8.63 -55.65 28.80
CA ALA E 74 -9.96 -55.79 28.22
C ALA E 74 -10.21 -57.19 27.68
N LEU E 75 -9.12 -57.95 27.51
CA LEU E 75 -9.23 -59.31 27.02
C LEU E 75 -9.47 -60.25 28.20
N THR E 76 -9.66 -59.66 29.38
CA THR E 76 -9.91 -60.40 30.60
C THR E 76 -11.03 -59.75 31.43
N SER E 91 -1.37 -54.01 31.57
CA SER E 91 -0.78 -53.38 30.39
C SER E 91 -1.89 -52.99 29.42
N THR E 92 -1.77 -51.82 28.79
CA THR E 92 -2.78 -51.36 27.84
C THR E 92 -2.20 -51.18 26.43
N PHE E 93 -1.31 -52.09 26.06
CA PHE E 93 -0.66 -52.05 24.76
C PHE E 93 -1.44 -52.77 23.67
N VAL E 94 -1.60 -52.10 22.54
CA VAL E 94 -2.30 -52.67 21.39
C VAL E 94 -1.40 -52.52 20.18
N PRO E 95 -0.75 -53.60 19.78
CA PRO E 95 0.16 -53.63 18.63
C PRO E 95 -0.56 -53.44 17.30
N GLY E 96 0.07 -52.70 16.41
CA GLY E 96 -0.55 -52.47 15.12
C GLY E 96 -1.70 -51.50 15.19
N ARG E 97 -1.73 -50.67 16.22
CA ARG E 97 -2.80 -49.70 16.36
C ARG E 97 -2.81 -48.87 15.09
N ASN E 98 -1.66 -48.74 14.47
CA ASN E 98 -1.49 -47.98 13.25
C ASN E 98 -1.95 -48.76 12.02
N LEU E 99 -2.02 -50.08 12.18
CA LEU E 99 -2.47 -50.94 11.10
C LEU E 99 -3.97 -50.82 11.02
N VAL E 100 -4.59 -50.25 12.05
CA VAL E 100 -6.05 -50.09 12.04
C VAL E 100 -6.47 -48.70 11.62
N PHE E 101 -5.67 -47.68 11.97
CA PHE E 101 -6.00 -46.30 11.60
C PHE E 101 -5.85 -46.04 10.10
N LEU E 102 -4.83 -46.65 9.50
CA LEU E 102 -4.62 -46.45 8.08
C LEU E 102 -5.67 -47.22 7.33
N SER E 103 -5.93 -48.45 7.74
CA SER E 103 -6.95 -49.25 7.06
C SER E 103 -8.26 -48.49 7.11
N PHE E 104 -8.55 -47.92 8.27
CA PHE E 104 -9.77 -47.13 8.44
C PHE E 104 -9.75 -45.90 7.53
N ALA E 105 -8.73 -45.05 7.70
CA ALA E 105 -8.59 -43.86 6.89
C ALA E 105 -8.72 -44.26 5.41
N SER E 106 -8.06 -45.36 5.07
CA SER E 106 -8.09 -45.89 3.72
C SER E 106 -9.53 -46.20 3.27
N ILE E 107 -10.39 -46.59 4.21
CA ILE E 107 -11.80 -46.87 3.91
C ILE E 107 -12.55 -45.55 3.67
N LEU E 108 -12.32 -44.57 4.55
CA LEU E 108 -12.96 -43.27 4.44
C LEU E 108 -12.55 -42.68 3.11
N ALA E 109 -11.27 -42.69 2.83
CA ALA E 109 -10.78 -42.15 1.56
C ALA E 109 -11.62 -42.75 0.44
N TYR E 110 -12.06 -43.99 0.60
CA TYR E 110 -12.87 -44.61 -0.43
C TYR E 110 -14.20 -43.88 -0.57
N GLN E 111 -14.95 -43.90 0.53
CA GLN E 111 -16.26 -43.27 0.60
C GLN E 111 -16.23 -41.82 0.17
N ILE E 112 -15.18 -41.08 0.55
CA ILE E 112 -15.09 -39.65 0.21
C ILE E 112 -14.46 -39.36 -1.14
N GLY E 113 -13.98 -40.37 -1.84
CA GLY E 113 -13.39 -40.15 -3.15
C GLY E 113 -11.95 -39.68 -3.20
N ALA E 114 -11.22 -39.77 -2.10
CA ALA E 114 -9.83 -39.35 -2.07
C ALA E 114 -8.91 -40.47 -2.56
N ARG E 115 -7.81 -40.10 -3.21
CA ARG E 115 -6.88 -41.12 -3.68
C ARG E 115 -5.62 -41.12 -2.83
N HIS E 116 -5.34 -39.98 -2.23
CA HIS E 116 -4.16 -39.81 -1.42
C HIS E 116 -4.41 -39.76 0.09
N ILE E 117 -3.83 -40.71 0.83
CA ILE E 117 -3.99 -40.70 2.27
C ILE E 117 -2.69 -40.16 2.81
N ILE E 118 -2.76 -39.10 3.60
CA ILE E 118 -1.55 -38.51 4.16
C ILE E 118 -1.45 -38.86 5.64
N THR E 119 -0.26 -39.25 6.07
CA THR E 119 -0.06 -39.63 7.45
C THR E 119 1.31 -39.15 7.91
N GLY E 120 1.47 -38.91 9.20
CA GLY E 120 2.73 -38.42 9.71
C GLY E 120 3.57 -39.45 10.44
N VAL E 121 3.28 -40.72 10.21
CA VAL E 121 3.99 -41.82 10.87
C VAL E 121 5.43 -41.99 10.41
N CYS E 122 6.32 -41.18 10.98
CA CYS E 122 7.76 -41.21 10.65
C CYS E 122 8.51 -42.42 11.24
N GLU E 123 9.46 -42.95 10.46
CA GLU E 123 10.28 -44.08 10.89
C GLU E 123 11.42 -43.54 11.74
N THR E 124 11.57 -42.23 11.69
CA THR E 124 12.57 -41.50 12.44
C THR E 124 12.13 -41.33 13.90
N ASP E 125 11.92 -42.46 14.58
CA ASP E 125 11.53 -42.47 15.99
C ASP E 125 12.42 -43.49 16.71
N PHE E 126 13.04 -43.07 17.82
CA PHE E 126 13.96 -43.94 18.57
C PHE E 126 13.34 -45.32 18.85
N SER E 127 12.05 -45.31 19.19
CA SER E 127 11.31 -46.54 19.46
C SER E 127 11.12 -47.28 18.12
N GLY E 128 11.08 -46.51 17.05
CA GLY E 128 10.90 -47.07 15.72
C GLY E 128 9.96 -48.26 15.71
N TYR E 129 8.72 -48.08 16.20
CA TYR E 129 7.72 -49.15 16.23
C TYR E 129 7.51 -49.77 14.86
N PRO E 130 7.36 -51.10 14.81
CA PRO E 130 7.16 -51.79 13.54
C PRO E 130 6.16 -51.15 12.58
N ASP E 131 5.02 -50.68 13.10
CA ASP E 131 3.99 -50.05 12.27
C ASP E 131 4.13 -48.54 12.11
N CYS E 132 5.37 -48.10 11.94
CA CYS E 132 5.70 -46.69 11.75
C CYS E 132 6.83 -46.68 10.76
N ARG E 133 7.37 -47.85 10.54
CA ARG E 133 8.48 -48.01 9.64
C ARG E 133 8.00 -47.91 8.22
N ASP E 134 8.86 -47.37 7.37
CA ASP E 134 8.58 -47.19 5.95
C ASP E 134 7.99 -48.44 5.29
N GLU E 135 8.67 -49.57 5.41
CA GLU E 135 8.20 -50.85 4.83
C GLU E 135 6.72 -51.13 5.11
N PHE E 136 6.38 -51.22 6.39
CA PHE E 136 5.02 -51.48 6.79
C PHE E 136 4.05 -50.57 6.05
N VAL E 137 4.35 -49.27 6.04
CA VAL E 137 3.48 -48.31 5.37
C VAL E 137 3.34 -48.67 3.91
N LYS E 138 4.47 -48.98 3.27
CA LYS E 138 4.47 -49.35 1.85
C LYS E 138 3.63 -50.60 1.63
N SER E 139 3.89 -51.64 2.42
CA SER E 139 3.13 -52.88 2.33
C SER E 139 1.67 -52.59 2.61
N CYS E 140 1.42 -51.68 3.54
CA CYS E 140 0.07 -51.32 3.92
C CYS E 140 -0.64 -50.62 2.77
N ASN E 141 0.12 -49.93 1.92
CA ASN E 141 -0.46 -49.23 0.79
C ASN E 141 -0.96 -50.29 -0.18
N VAL E 142 -0.10 -51.25 -0.51
CA VAL E 142 -0.44 -52.33 -1.40
C VAL E 142 -1.69 -53.10 -0.93
N THR E 143 -1.71 -53.46 0.34
CA THR E 143 -2.83 -54.19 0.91
C THR E 143 -4.15 -53.46 0.67
N VAL E 144 -4.28 -52.24 1.17
CA VAL E 144 -5.53 -51.51 0.98
C VAL E 144 -5.91 -51.42 -0.49
N ASN E 145 -4.94 -51.14 -1.35
CA ASN E 145 -5.21 -51.07 -2.78
C ASN E 145 -5.86 -52.37 -3.24
N LEU E 146 -5.35 -53.50 -2.75
CA LEU E 146 -5.91 -54.77 -3.14
C LEU E 146 -7.29 -54.98 -2.55
N ALA E 147 -7.55 -54.33 -1.42
CA ALA E 147 -8.81 -54.47 -0.73
C ALA E 147 -9.99 -53.73 -1.35
N MET E 148 -9.71 -52.72 -2.17
CA MET E 148 -10.80 -51.96 -2.82
C MET E 148 -10.61 -51.70 -4.32
N GLU E 149 -9.65 -52.37 -4.96
CA GLU E 149 -9.40 -52.14 -6.38
C GLU E 149 -9.40 -50.64 -6.69
N LYS E 150 -8.71 -49.90 -5.84
CA LYS E 150 -8.57 -48.46 -5.95
C LYS E 150 -7.09 -48.17 -5.72
N PRO E 151 -6.41 -47.52 -6.69
CA PRO E 151 -4.98 -47.18 -6.64
C PRO E 151 -4.63 -46.10 -5.62
N PHE E 152 -4.81 -46.39 -4.35
CA PHE E 152 -4.49 -45.43 -3.31
C PHE E 152 -3.00 -45.13 -3.24
N VAL E 153 -2.69 -43.98 -2.66
CA VAL E 153 -1.31 -43.58 -2.51
C VAL E 153 -1.09 -43.05 -1.11
N ILE E 154 -0.56 -43.88 -0.22
CA ILE E 154 -0.30 -43.43 1.14
C ILE E 154 0.98 -42.60 1.14
N HIS E 155 0.86 -41.38 1.66
CA HIS E 155 1.97 -40.41 1.70
C HIS E 155 2.46 -40.20 3.12
N THR E 156 3.77 -40.29 3.32
CA THR E 156 4.34 -40.05 4.64
C THR E 156 5.40 -38.99 4.44
N PRO E 157 5.00 -37.71 4.46
CA PRO E 157 5.97 -36.62 4.27
C PRO E 157 7.00 -36.35 5.37
N LEU E 158 6.92 -37.07 6.49
CA LEU E 158 7.90 -36.88 7.56
C LEU E 158 8.67 -38.18 7.83
N MET E 159 8.52 -39.16 6.93
CA MET E 159 9.15 -40.48 7.07
C MET E 159 10.65 -40.43 7.34
N TRP E 160 11.33 -39.57 6.60
CA TRP E 160 12.77 -39.44 6.72
C TRP E 160 13.15 -38.07 7.28
N LEU E 161 12.34 -37.52 8.18
CA LEU E 161 12.67 -36.22 8.75
C LEU E 161 12.78 -36.28 10.26
N ASN E 162 13.61 -35.44 10.84
CA ASN E 162 13.72 -35.43 12.29
C ASN E 162 12.87 -34.25 12.74
N LYS E 163 12.69 -34.08 14.05
CA LYS E 163 11.87 -33.00 14.56
C LYS E 163 12.31 -31.64 14.01
N ALA E 164 13.61 -31.42 13.98
CA ALA E 164 14.16 -30.16 13.48
C ALA E 164 13.92 -30.00 11.99
N GLU E 165 13.68 -31.10 11.30
CA GLU E 165 13.43 -31.04 9.87
C GLU E 165 11.93 -30.87 9.59
N THR E 166 11.13 -31.23 10.59
CA THR E 166 9.68 -31.09 10.50
C THR E 166 9.33 -29.61 10.66
N TRP E 167 10.03 -28.93 11.58
CA TRP E 167 9.87 -27.49 11.81
C TRP E 167 10.39 -26.74 10.56
N LYS E 168 11.52 -27.20 10.05
CA LYS E 168 12.10 -26.64 8.86
C LYS E 168 11.10 -26.81 7.71
N LEU E 169 10.19 -27.77 7.83
CA LEU E 169 9.20 -28.00 6.78
C LEU E 169 8.05 -27.03 6.95
N ALA E 170 7.56 -26.92 8.18
CA ALA E 170 6.47 -26.03 8.52
C ALA E 170 6.94 -24.66 8.11
N ASP E 171 8.16 -24.33 8.51
CA ASP E 171 8.74 -23.04 8.18
C ASP E 171 8.79 -22.79 6.66
N GLU E 172 9.39 -23.70 5.92
CA GLU E 172 9.49 -23.57 4.48
C GLU E 172 8.10 -23.56 3.87
N LEU E 173 7.12 -24.04 4.65
CA LEU E 173 5.74 -24.14 4.18
C LEU E 173 5.00 -22.86 4.48
N GLY E 174 5.66 -21.97 5.23
CA GLY E 174 5.07 -20.71 5.59
C GLY E 174 4.21 -20.78 6.83
N ALA E 175 4.13 -21.93 7.48
CA ALA E 175 3.28 -22.05 8.67
C ALA E 175 4.02 -22.22 9.99
N LEU E 176 5.31 -21.92 10.02
CA LEU E 176 6.08 -22.10 11.25
C LEU E 176 5.34 -21.61 12.49
N ASP E 177 4.89 -20.36 12.44
CA ASP E 177 4.20 -19.79 13.59
C ASP E 177 2.81 -20.34 13.80
N PHE E 178 2.12 -20.65 12.70
CA PHE E 178 0.79 -21.20 12.85
C PHE E 178 0.93 -22.49 13.65
N VAL E 179 1.84 -23.36 13.20
CA VAL E 179 2.10 -24.63 13.86
C VAL E 179 2.53 -24.47 15.31
N LYS E 180 3.48 -23.57 15.54
CA LYS E 180 3.99 -23.35 16.88
C LYS E 180 2.93 -23.06 17.93
N ASN E 181 2.19 -21.97 17.74
CA ASN E 181 1.18 -21.54 18.70
C ASN E 181 -0.14 -22.30 18.72
N ASN E 182 -0.43 -23.07 17.68
CA ASN E 182 -1.72 -23.76 17.63
C ASN E 182 -1.81 -25.27 17.92
N THR E 183 -0.81 -26.03 17.49
CA THR E 183 -0.82 -27.48 17.69
C THR E 183 -0.53 -27.91 19.12
N LEU E 184 -1.14 -29.03 19.54
CA LEU E 184 -0.96 -29.59 20.88
C LEU E 184 0.04 -30.75 20.88
N THR E 185 1.02 -30.68 21.78
CA THR E 185 2.06 -31.70 21.86
C THR E 185 2.16 -32.25 23.28
N CYS E 186 2.18 -31.35 24.27
CA CYS E 186 2.28 -31.75 25.67
C CYS E 186 1.25 -32.81 26.02
N TYR E 187 1.64 -33.75 26.88
CA TYR E 187 0.74 -34.83 27.29
C TYR E 187 -0.30 -34.35 28.28
N ASN E 188 0.15 -33.53 29.22
CA ASN E 188 -0.70 -32.98 30.27
C ASN E 188 -1.89 -32.20 29.73
N GLY E 189 -1.76 -31.67 28.53
CA GLY E 189 -2.85 -30.92 27.93
C GLY E 189 -2.64 -29.41 27.89
N ILE E 190 -1.49 -28.98 27.39
CA ILE E 190 -1.18 -27.55 27.28
C ILE E 190 -0.82 -27.25 25.82
N ILE E 191 -1.53 -26.31 25.22
CA ILE E 191 -1.28 -25.94 23.83
C ILE E 191 0.15 -25.49 23.60
N ALA E 192 0.64 -25.71 22.38
CA ALA E 192 1.98 -25.32 22.01
C ALA E 192 3.02 -25.77 23.03
N ASP E 193 3.72 -24.78 23.59
CA ASP E 193 4.77 -24.97 24.59
C ASP E 193 4.56 -26.07 25.61
N GLY E 194 3.32 -26.23 26.07
CA GLY E 194 3.03 -27.26 27.05
C GLY E 194 3.73 -27.06 28.38
N CYS E 195 3.86 -28.14 29.13
CA CYS E 195 4.52 -28.11 30.44
C CYS E 195 6.04 -27.94 30.34
N GLY E 196 6.60 -28.38 29.22
CA GLY E 196 8.04 -28.27 29.02
C GLY E 196 8.83 -29.36 29.72
N GLU E 197 8.11 -30.31 30.31
CA GLU E 197 8.74 -31.43 31.02
C GLU E 197 8.46 -32.78 30.37
N CYS E 198 7.19 -33.08 30.10
CA CYS E 198 6.85 -34.36 29.49
C CYS E 198 7.73 -34.58 28.24
N PRO E 199 8.23 -35.81 28.08
CA PRO E 199 9.08 -36.25 26.98
C PRO E 199 8.73 -35.70 25.59
N ALA E 200 7.43 -35.67 25.29
CA ALA E 200 6.93 -35.15 24.01
C ALA E 200 7.31 -33.68 23.81
N CYS E 201 7.14 -32.89 24.85
CA CYS E 201 7.48 -31.47 24.80
C CYS E 201 8.96 -31.24 24.52
N HIS E 202 9.78 -32.19 24.98
CA HIS E 202 11.22 -32.13 24.81
C HIS E 202 11.67 -32.29 23.36
N LEU E 203 11.18 -33.28 22.65
CA LEU E 203 11.57 -33.47 21.25
C LEU E 203 11.14 -32.24 20.47
N ARG E 204 9.91 -31.80 20.72
CA ARG E 204 9.32 -30.63 20.08
C ARG E 204 10.25 -29.46 20.38
N SER E 205 10.41 -29.21 21.68
CA SER E 205 11.26 -28.13 22.19
C SER E 205 12.69 -28.18 21.65
N LYS E 206 13.40 -29.27 21.89
CA LYS E 206 14.78 -29.42 21.41
C LYS E 206 14.88 -29.27 19.91
N GLY E 207 14.03 -30.00 19.20
CA GLY E 207 14.02 -29.93 17.75
C GLY E 207 13.86 -28.49 17.28
N TYR E 208 13.10 -27.73 18.04
CA TYR E 208 12.85 -26.32 17.73
C TYR E 208 14.14 -25.53 17.82
N GLU E 209 14.73 -25.48 19.02
CA GLU E 209 15.98 -24.77 19.22
C GLU E 209 17.03 -25.29 18.24
N GLU E 210 16.95 -26.58 17.96
CA GLU E 210 17.86 -27.21 17.01
C GLU E 210 17.70 -26.60 15.61
N TYR E 211 16.46 -26.33 15.20
CA TYR E 211 16.21 -25.75 13.88
C TYR E 211 16.64 -24.30 13.83
N MET E 212 16.40 -23.59 14.93
CA MET E 212 16.75 -22.20 15.04
C MET E 212 18.25 -22.09 14.81
N VAL E 213 19.03 -22.67 15.72
CA VAL E 213 20.48 -22.62 15.58
C VAL E 213 20.83 -23.17 14.20
N MET E 214 20.69 -24.48 14.05
CA MET E 214 21.00 -25.10 12.78
C MET E 214 19.97 -24.71 11.74
N LYS E 215 19.95 -23.41 11.44
CA LYS E 215 19.04 -22.88 10.43
C LYS E 215 19.84 -22.87 9.13
N LYS F 3 22.59 -39.78 4.88
CA LYS F 3 23.46 -40.33 5.96
C LYS F 3 23.77 -41.83 5.71
N GLU F 4 23.35 -42.33 4.55
CA GLU F 4 23.57 -43.72 4.15
C GLU F 4 24.01 -43.79 2.68
N LYS F 5 24.23 -45.01 2.20
CA LYS F 5 24.68 -45.24 0.82
C LYS F 5 23.50 -45.31 -0.15
N ALA F 6 23.73 -45.07 -1.43
CA ALA F 6 22.62 -45.11 -2.37
C ALA F 6 23.00 -45.44 -3.80
N ILE F 7 22.41 -46.51 -4.33
CA ILE F 7 22.65 -46.95 -5.70
C ILE F 7 21.54 -46.35 -6.58
N VAL F 8 21.91 -45.80 -7.74
CA VAL F 8 20.94 -45.19 -8.66
C VAL F 8 20.95 -45.87 -10.01
N VAL F 9 19.79 -46.35 -10.45
CA VAL F 9 19.68 -47.00 -11.75
C VAL F 9 19.92 -45.90 -12.78
N PHE F 10 21.06 -45.98 -13.45
CA PHE F 10 21.44 -44.96 -14.41
C PHE F 10 21.61 -45.40 -15.86
N SER F 11 20.97 -44.68 -16.77
CA SER F 11 21.04 -45.01 -18.19
C SER F 11 21.69 -43.94 -19.05
N GLY F 12 21.73 -42.71 -18.53
CA GLY F 12 22.32 -41.61 -19.29
C GLY F 12 21.24 -40.65 -19.78
N GLY F 13 20.01 -41.15 -19.87
CA GLY F 13 18.91 -40.32 -20.32
C GLY F 13 18.69 -39.14 -19.39
N GLN F 14 17.84 -38.21 -19.81
CA GLN F 14 17.55 -37.01 -19.04
C GLN F 14 17.13 -37.32 -17.61
N ASP F 15 16.20 -38.26 -17.48
CA ASP F 15 15.64 -38.67 -16.19
C ASP F 15 16.55 -39.40 -15.20
N SER F 16 17.16 -40.50 -15.63
CA SER F 16 18.05 -41.25 -14.73
C SER F 16 19.18 -40.35 -14.25
N THR F 17 19.43 -39.29 -15.03
CA THR F 17 20.47 -38.32 -14.70
C THR F 17 19.93 -37.32 -13.68
N THR F 18 18.72 -36.83 -13.91
CA THR F 18 18.14 -35.89 -12.98
C THR F 18 18.05 -36.61 -11.62
N CYS F 19 17.91 -37.93 -11.69
CA CYS F 19 17.83 -38.77 -10.50
C CYS F 19 19.19 -38.94 -9.86
N LEU F 20 20.23 -39.09 -10.67
CA LEU F 20 21.59 -39.24 -10.15
C LEU F 20 22.02 -37.96 -9.42
N LEU F 21 21.63 -36.81 -9.98
CA LEU F 21 21.93 -35.49 -9.41
C LEU F 21 21.15 -35.31 -8.10
N TRP F 22 19.87 -35.67 -8.13
CA TRP F 22 18.98 -35.57 -6.98
C TRP F 22 19.53 -36.40 -5.81
N ALA F 23 20.00 -37.59 -6.12
CA ALA F 23 20.55 -38.50 -5.12
C ALA F 23 21.79 -37.94 -4.40
N LEU F 24 22.68 -37.30 -5.16
CA LEU F 24 23.90 -36.74 -4.59
C LEU F 24 23.63 -35.64 -3.56
N LYS F 25 22.49 -34.98 -3.70
CA LYS F 25 22.13 -33.94 -2.75
C LYS F 25 21.66 -34.63 -1.49
N GLU F 26 20.66 -35.50 -1.64
CA GLU F 26 20.05 -36.22 -0.52
C GLU F 26 20.95 -37.21 0.24
N PHE F 27 21.74 -38.02 -0.47
CA PHE F 27 22.55 -39.01 0.22
C PHE F 27 24.03 -38.70 0.34
N GLU F 28 24.66 -39.23 1.38
CA GLU F 28 26.08 -39.03 1.59
C GLU F 28 26.86 -39.65 0.43
N GLU F 29 26.88 -40.99 0.40
CA GLU F 29 27.59 -41.76 -0.62
C GLU F 29 26.65 -42.14 -1.77
N VAL F 30 27.13 -42.13 -3.00
CA VAL F 30 26.28 -42.47 -4.15
C VAL F 30 26.98 -43.16 -5.31
N GLU F 31 26.49 -44.33 -5.70
CA GLU F 31 27.03 -45.10 -6.81
C GLU F 31 25.96 -45.31 -7.86
N THR F 32 26.34 -45.84 -9.02
CA THR F 32 25.36 -46.08 -10.07
C THR F 32 25.51 -47.43 -10.75
N VAL F 33 24.39 -47.94 -11.25
CA VAL F 33 24.37 -49.22 -11.96
C VAL F 33 23.71 -48.93 -13.28
N THR F 34 24.38 -49.28 -14.37
CA THR F 34 23.81 -49.05 -15.69
C THR F 34 23.63 -50.40 -16.39
N PHE F 35 22.37 -50.78 -16.61
CA PHE F 35 22.05 -52.05 -17.26
C PHE F 35 22.23 -51.93 -18.76
N HIS F 36 22.63 -53.03 -19.37
CA HIS F 36 22.85 -53.09 -20.80
C HIS F 36 22.65 -54.51 -21.23
N TYR F 37 22.30 -54.72 -22.50
CA TYR F 37 22.12 -56.06 -22.97
C TYR F 37 23.43 -56.61 -23.49
N ASN F 38 23.56 -56.84 -24.79
CA ASN F 38 24.82 -57.35 -25.31
C ASN F 38 25.76 -56.18 -25.53
N GLN F 39 25.16 -55.00 -25.63
CA GLN F 39 25.89 -53.76 -25.85
C GLN F 39 26.64 -53.25 -24.62
N ARG F 40 27.87 -52.85 -24.86
CA ARG F 40 28.80 -52.33 -23.86
C ARG F 40 29.68 -51.49 -24.78
N HIS F 41 30.14 -50.33 -24.32
CA HIS F 41 30.91 -49.44 -25.18
C HIS F 41 29.89 -48.82 -26.15
N SER F 42 28.64 -49.20 -25.97
CA SER F 42 27.54 -48.71 -26.80
C SER F 42 27.26 -47.25 -26.51
N GLN F 43 26.84 -46.52 -27.54
CA GLN F 43 26.51 -45.10 -27.45
C GLN F 43 25.77 -44.76 -26.15
N GLU F 44 24.89 -45.67 -25.73
CA GLU F 44 24.12 -45.50 -24.52
C GLU F 44 25.05 -45.54 -23.31
N VAL F 45 25.73 -46.68 -23.13
CA VAL F 45 26.64 -46.84 -22.01
C VAL F 45 27.82 -45.87 -22.15
N GLU F 46 28.06 -45.42 -23.37
CA GLU F 46 29.13 -44.46 -23.63
C GLU F 46 28.78 -43.23 -22.78
N VAL F 47 27.68 -42.59 -23.14
CA VAL F 47 27.20 -41.40 -22.44
C VAL F 47 27.15 -41.66 -20.94
N ALA F 48 26.45 -42.73 -20.56
CA ALA F 48 26.33 -43.10 -19.17
C ALA F 48 27.66 -42.94 -18.45
N LYS F 49 28.58 -43.85 -18.77
CA LYS F 49 29.91 -43.83 -18.15
C LYS F 49 30.52 -42.43 -18.13
N SER F 50 30.39 -41.70 -19.23
CA SER F 50 30.95 -40.37 -19.34
C SER F 50 30.40 -39.42 -18.30
N ILE F 51 29.11 -39.10 -18.43
CA ILE F 51 28.43 -38.20 -17.52
C ILE F 51 28.57 -38.71 -16.08
N ALA F 52 28.70 -40.02 -15.95
CA ALA F 52 28.89 -40.65 -14.65
C ALA F 52 30.29 -40.27 -14.20
N GLU F 53 31.22 -40.36 -15.15
CA GLU F 53 32.63 -40.02 -14.94
C GLU F 53 32.75 -38.58 -14.42
N LYS F 54 32.16 -37.64 -15.15
CA LYS F 54 32.19 -36.24 -14.74
C LYS F 54 31.79 -36.15 -13.28
N LEU F 55 30.50 -36.41 -13.02
CA LEU F 55 29.92 -36.35 -11.67
C LEU F 55 30.61 -37.22 -10.63
N GLY F 56 31.54 -38.06 -11.08
CA GLY F 56 32.24 -38.94 -10.18
C GLY F 56 31.47 -40.25 -10.11
N VAL F 57 30.82 -40.49 -8.97
CA VAL F 57 30.01 -41.69 -8.76
C VAL F 57 30.53 -42.97 -9.42
N LYS F 58 30.98 -43.89 -8.60
CA LYS F 58 31.47 -45.18 -9.09
C LYS F 58 30.31 -45.90 -9.79
N ASN F 59 30.45 -46.13 -11.08
CA ASN F 59 29.42 -46.80 -11.88
C ASN F 59 29.66 -48.31 -12.01
N HIS F 60 28.60 -49.06 -12.32
CA HIS F 60 28.69 -50.51 -12.46
C HIS F 60 27.76 -50.95 -13.57
N LEU F 61 28.28 -51.26 -14.75
CA LEU F 61 27.40 -51.72 -15.81
C LEU F 61 26.99 -53.15 -15.45
N LEU F 62 25.88 -53.62 -16.00
CA LEU F 62 25.38 -54.96 -15.70
C LEU F 62 24.73 -55.52 -16.96
N ASP F 63 25.20 -56.69 -17.40
CA ASP F 63 24.70 -57.34 -18.62
C ASP F 63 23.41 -58.07 -18.37
N MET F 64 22.34 -57.65 -19.07
CA MET F 64 21.03 -58.24 -18.91
C MET F 64 20.52 -59.08 -20.08
N SER F 65 21.43 -59.52 -20.94
CA SER F 65 21.07 -60.31 -22.10
C SER F 65 20.22 -61.56 -21.80
N LEU F 66 20.67 -62.33 -20.81
CA LEU F 66 19.97 -63.54 -20.43
C LEU F 66 18.46 -63.38 -20.26
N LEU F 67 18.03 -62.17 -19.94
CA LEU F 67 16.62 -61.91 -19.75
C LEU F 67 15.80 -62.07 -21.02
N ASN F 68 16.47 -62.35 -22.13
CA ASN F 68 15.76 -62.50 -23.39
C ASN F 68 15.32 -63.89 -23.76
N GLN F 69 15.71 -64.89 -22.97
CA GLN F 69 15.26 -66.24 -23.25
C GLN F 69 13.75 -66.16 -22.98
N LEU F 70 13.40 -65.18 -22.15
CA LEU F 70 12.02 -64.93 -21.75
C LEU F 70 11.22 -64.18 -22.79
N ALA F 71 11.72 -64.15 -24.01
CA ALA F 71 11.03 -63.47 -25.10
C ALA F 71 10.21 -64.52 -25.86
N PRO F 72 9.07 -64.11 -26.45
CA PRO F 72 8.24 -65.06 -27.19
C PRO F 72 9.05 -65.75 -28.29
N ASN F 73 9.68 -64.94 -29.13
CA ASN F 73 10.49 -65.43 -30.25
C ASN F 73 11.85 -65.99 -29.80
N ALA F 74 12.02 -66.23 -28.50
CA ALA F 74 13.26 -66.76 -28.00
C ALA F 74 12.99 -68.17 -27.49
N LEU F 75 11.74 -68.40 -27.12
CA LEU F 75 11.32 -69.70 -26.61
C LEU F 75 10.79 -70.59 -27.73
N THR F 76 11.73 -71.16 -28.51
CA THR F 76 11.41 -72.07 -29.62
C THR F 76 12.70 -72.75 -30.10
N SER F 91 7.34 -61.98 -31.67
CA SER F 91 7.25 -60.89 -30.72
C SER F 91 8.42 -60.88 -29.77
N THR F 92 8.97 -59.70 -29.54
CA THR F 92 10.07 -59.54 -28.60
C THR F 92 9.54 -58.71 -27.47
N PHE F 93 8.96 -59.38 -26.48
CA PHE F 93 8.43 -58.67 -25.33
C PHE F 93 8.51 -59.47 -24.04
N VAL F 94 9.16 -58.88 -23.05
CA VAL F 94 9.29 -59.51 -21.75
C VAL F 94 8.52 -58.67 -20.75
N PRO F 95 7.55 -59.30 -20.08
CA PRO F 95 6.74 -58.61 -19.08
C PRO F 95 7.54 -58.32 -17.82
N GLY F 96 7.21 -57.21 -17.15
CA GLY F 96 7.87 -56.84 -15.91
C GLY F 96 9.39 -56.89 -15.83
N ARG F 97 10.10 -56.51 -16.90
CA ARG F 97 11.54 -56.57 -16.82
C ARG F 97 11.98 -55.52 -15.83
N ASN F 98 11.06 -54.67 -15.43
CA ASN F 98 11.39 -53.65 -14.45
C ASN F 98 11.49 -54.27 -13.05
N LEU F 99 10.85 -55.44 -12.89
CA LEU F 99 10.90 -56.19 -11.64
C LEU F 99 12.30 -56.80 -11.60
N VAL F 100 12.77 -57.23 -12.76
CA VAL F 100 14.10 -57.82 -12.85
C VAL F 100 15.19 -56.79 -12.59
N PHE F 101 15.02 -55.56 -13.08
CA PHE F 101 16.05 -54.54 -12.86
C PHE F 101 16.11 -54.12 -11.40
N LEU F 102 14.97 -53.82 -10.79
CA LEU F 102 15.01 -53.44 -9.40
C LEU F 102 15.53 -54.63 -8.60
N SER F 103 15.17 -55.84 -8.98
CA SER F 103 15.67 -57.00 -8.24
C SER F 103 17.19 -57.03 -8.30
N PHE F 104 17.70 -56.96 -9.52
CA PHE F 104 19.13 -56.98 -9.67
C PHE F 104 19.70 -55.77 -8.95
N ALA F 105 19.21 -54.59 -9.29
CA ALA F 105 19.68 -53.35 -8.67
C ALA F 105 19.69 -53.45 -7.16
N SER F 106 18.74 -54.18 -6.60
CA SER F 106 18.63 -54.37 -5.15
C SER F 106 19.68 -55.34 -4.64
N ILE F 107 20.03 -56.32 -5.45
CA ILE F 107 21.03 -57.31 -5.06
C ILE F 107 22.36 -56.60 -4.96
N LEU F 108 22.68 -55.82 -5.99
CA LEU F 108 23.93 -55.07 -6.04
C LEU F 108 24.02 -54.17 -4.82
N ALA F 109 22.90 -53.53 -4.47
CA ALA F 109 22.89 -52.67 -3.29
C ALA F 109 23.36 -53.51 -2.11
N TYR F 110 22.74 -54.67 -1.94
CA TYR F 110 23.10 -55.55 -0.84
C TYR F 110 24.59 -55.80 -0.79
N GLN F 111 25.21 -56.02 -1.95
CA GLN F 111 26.63 -56.24 -2.00
C GLN F 111 27.25 -54.89 -1.70
N ILE F 112 27.26 -54.02 -2.71
CA ILE F 112 27.79 -52.66 -2.63
C ILE F 112 27.57 -51.94 -1.29
N GLY F 113 26.62 -52.41 -0.50
CA GLY F 113 26.36 -51.79 0.79
C GLY F 113 25.50 -50.53 0.78
N ALA F 114 24.47 -50.48 -0.05
CA ALA F 114 23.61 -49.31 -0.08
C ALA F 114 22.23 -49.63 0.48
N ARG F 115 21.62 -48.65 1.13
CA ARG F 115 20.29 -48.84 1.71
C ARG F 115 19.24 -48.29 0.78
N HIS F 116 19.64 -47.36 -0.09
CA HIS F 116 18.73 -46.74 -1.02
C HIS F 116 18.98 -47.06 -2.49
N ILE F 117 17.89 -47.11 -3.24
CA ILE F 117 17.93 -47.41 -4.66
C ILE F 117 17.08 -46.37 -5.35
N ILE F 118 17.69 -45.59 -6.22
CA ILE F 118 16.97 -44.53 -6.91
C ILE F 118 16.61 -44.98 -8.32
N THR F 119 15.39 -44.73 -8.73
CA THR F 119 14.95 -45.11 -10.07
C THR F 119 14.04 -44.02 -10.66
N GLY F 120 14.18 -43.77 -11.96
CA GLY F 120 13.36 -42.74 -12.58
C GLY F 120 12.18 -43.30 -13.37
N VAL F 121 11.51 -44.30 -12.80
CA VAL F 121 10.35 -44.96 -13.43
C VAL F 121 9.06 -44.22 -13.10
N CYS F 122 8.85 -43.07 -13.73
CA CYS F 122 7.68 -42.24 -13.50
C CYS F 122 6.38 -42.96 -13.86
N GLU F 123 5.30 -42.53 -13.23
CA GLU F 123 3.97 -43.09 -13.46
C GLU F 123 3.00 -41.93 -13.61
N THR F 124 3.01 -41.30 -14.79
CA THR F 124 2.11 -40.18 -15.06
C THR F 124 0.65 -40.63 -14.97
N ASP F 125 0.44 -41.93 -14.67
CA ASP F 125 -0.90 -42.53 -14.51
C ASP F 125 -1.74 -42.52 -15.80
N PHE F 126 -1.25 -41.79 -16.81
CA PHE F 126 -1.93 -41.71 -18.10
C PHE F 126 -2.00 -43.16 -18.58
N SER F 127 -1.14 -43.99 -17.99
CA SER F 127 -1.04 -45.41 -18.29
C SER F 127 0.29 -46.00 -17.85
N GLY F 128 1.21 -46.13 -18.80
CA GLY F 128 2.50 -46.71 -18.51
C GLY F 128 2.36 -48.22 -18.47
N TYR F 129 3.47 -48.90 -18.18
CA TYR F 129 3.46 -50.33 -18.07
C TYR F 129 3.07 -50.62 -16.62
N PRO F 130 2.68 -51.88 -16.33
CA PRO F 130 2.31 -52.17 -14.96
C PRO F 130 3.47 -52.11 -13.97
N ASP F 131 4.66 -52.45 -14.44
CA ASP F 131 5.87 -52.47 -13.61
C ASP F 131 6.54 -51.10 -13.46
N CYS F 132 5.81 -50.03 -13.75
CA CYS F 132 6.35 -48.69 -13.62
C CYS F 132 5.34 -47.87 -12.85
N ARG F 133 4.50 -48.54 -12.06
CA ARG F 133 3.46 -47.87 -11.28
C ARG F 133 3.81 -47.84 -9.79
N ASP F 134 3.47 -46.74 -9.14
CA ASP F 134 3.72 -46.54 -7.72
C ASP F 134 3.41 -47.80 -6.91
N GLU F 135 2.24 -48.36 -7.15
CA GLU F 135 1.76 -49.58 -6.48
C GLU F 135 2.77 -50.71 -6.54
N PHE F 136 3.39 -50.90 -7.69
CA PHE F 136 4.36 -51.97 -7.88
C PHE F 136 5.62 -51.66 -7.10
N VAL F 137 6.28 -50.58 -7.47
CA VAL F 137 7.51 -50.17 -6.81
C VAL F 137 7.41 -50.35 -5.29
N LYS F 138 6.22 -50.13 -4.75
CA LYS F 138 5.96 -50.27 -3.31
C LYS F 138 6.03 -51.74 -2.92
N SER F 139 5.16 -52.54 -3.53
CA SER F 139 5.13 -53.98 -3.25
C SER F 139 6.51 -54.57 -3.50
N CYS F 140 7.13 -54.15 -4.60
CA CYS F 140 8.47 -54.61 -4.98
C CYS F 140 9.48 -54.40 -3.84
N ASN F 141 9.48 -53.20 -3.27
CA ASN F 141 10.36 -52.83 -2.16
C ASN F 141 10.10 -53.75 -0.96
N VAL F 142 8.85 -53.89 -0.55
CA VAL F 142 8.54 -54.76 0.57
C VAL F 142 9.12 -56.14 0.29
N THR F 143 9.06 -56.57 -0.96
CA THR F 143 9.55 -57.90 -1.31
C THR F 143 11.06 -58.06 -1.21
N VAL F 144 11.82 -57.25 -1.93
CA VAL F 144 13.28 -57.34 -1.86
C VAL F 144 13.76 -57.23 -0.40
N ASN F 145 13.07 -56.43 0.40
CA ASN F 145 13.42 -56.28 1.80
C ASN F 145 13.32 -57.62 2.52
N LEU F 146 12.27 -58.37 2.23
CA LEU F 146 12.08 -59.67 2.85
C LEU F 146 13.04 -60.69 2.28
N ALA F 147 13.51 -60.45 1.06
CA ALA F 147 14.40 -61.38 0.40
C ALA F 147 15.86 -61.32 0.83
N MET F 148 16.27 -60.26 1.53
CA MET F 148 17.67 -60.15 1.97
C MET F 148 17.80 -59.58 3.37
N GLU F 149 16.68 -59.41 4.05
CA GLU F 149 16.69 -58.88 5.39
C GLU F 149 17.52 -57.60 5.49
N LYS F 150 17.03 -56.54 4.86
CA LYS F 150 17.67 -55.23 4.88
C LYS F 150 16.55 -54.22 4.65
N PRO F 151 16.65 -53.04 5.26
CA PRO F 151 15.61 -52.01 5.10
C PRO F 151 15.81 -51.19 3.85
N PHE F 152 15.83 -51.84 2.69
CA PHE F 152 16.03 -51.09 1.46
C PHE F 152 14.91 -50.07 1.28
N VAL F 153 15.21 -49.02 0.53
CA VAL F 153 14.24 -47.96 0.30
C VAL F 153 14.33 -47.53 -1.18
N ILE F 154 13.33 -47.91 -1.96
CA ILE F 154 13.31 -47.55 -3.37
C ILE F 154 12.71 -46.16 -3.48
N HIS F 155 13.40 -45.25 -4.16
CA HIS F 155 12.93 -43.88 -4.31
C HIS F 155 12.64 -43.62 -5.77
N THR F 156 11.46 -43.03 -6.04
CA THR F 156 11.06 -42.69 -7.40
C THR F 156 10.71 -41.20 -7.44
N PRO F 157 11.69 -40.33 -7.23
CA PRO F 157 11.41 -38.89 -7.25
C PRO F 157 10.54 -38.42 -8.41
N LEU F 158 10.83 -38.91 -9.62
CA LEU F 158 10.08 -38.51 -10.82
C LEU F 158 8.71 -39.16 -10.94
N MET F 159 8.29 -39.88 -9.90
CA MET F 159 7.01 -40.57 -9.91
C MET F 159 5.81 -39.67 -10.21
N TRP F 160 5.71 -38.56 -9.48
CA TRP F 160 4.58 -37.65 -9.66
C TRP F 160 4.87 -36.40 -10.51
N LEU F 161 6.01 -36.38 -11.19
CA LEU F 161 6.37 -35.24 -12.04
C LEU F 161 6.23 -35.58 -13.52
N ASN F 162 6.36 -34.56 -14.38
CA ASN F 162 6.27 -34.73 -15.83
C ASN F 162 7.53 -34.17 -16.48
N LYS F 163 7.62 -34.30 -17.80
CA LYS F 163 8.79 -33.82 -18.53
C LYS F 163 9.09 -32.35 -18.26
N ALA F 164 8.07 -31.61 -17.84
CA ALA F 164 8.20 -30.18 -17.54
C ALA F 164 8.72 -29.95 -16.14
N GLU F 165 8.27 -30.79 -15.21
CA GLU F 165 8.69 -30.70 -13.83
C GLU F 165 9.99 -31.46 -13.65
N THR F 166 10.39 -32.16 -14.69
CA THR F 166 11.64 -32.91 -14.70
C THR F 166 12.75 -31.89 -14.99
N TRP F 167 12.41 -30.91 -15.83
CA TRP F 167 13.35 -29.85 -16.17
C TRP F 167 13.45 -28.90 -15.00
N LYS F 168 12.30 -28.59 -14.41
CA LYS F 168 12.25 -27.70 -13.25
C LYS F 168 13.12 -28.27 -12.13
N LEU F 169 13.24 -29.59 -12.11
CA LEU F 169 14.03 -30.29 -11.10
C LEU F 169 15.53 -30.18 -11.41
N ALA F 170 15.87 -30.27 -12.69
CA ALA F 170 17.27 -30.14 -13.11
C ALA F 170 17.67 -28.68 -12.81
N ASP F 171 16.71 -27.79 -12.97
CA ASP F 171 16.92 -26.38 -12.69
C ASP F 171 16.98 -26.22 -11.18
N GLU F 172 15.99 -26.79 -10.51
CA GLU F 172 15.90 -26.73 -9.05
C GLU F 172 17.27 -27.07 -8.47
N LEU F 173 17.81 -28.21 -8.87
CA LEU F 173 19.12 -28.67 -8.39
C LEU F 173 20.28 -27.82 -8.91
N GLY F 174 20.12 -27.26 -10.12
CA GLY F 174 21.16 -26.42 -10.66
C GLY F 174 21.95 -26.98 -11.82
N ALA F 175 21.70 -28.25 -12.17
CA ALA F 175 22.41 -28.85 -13.29
C ALA F 175 21.52 -28.78 -14.52
N LEU F 176 20.61 -27.81 -14.53
CA LEU F 176 19.70 -27.64 -15.66
C LEU F 176 20.48 -27.48 -16.94
N ASP F 177 21.74 -27.04 -16.82
CA ASP F 177 22.61 -26.86 -17.98
C ASP F 177 23.35 -28.16 -18.27
N PHE F 178 23.93 -28.70 -17.20
CA PHE F 178 24.69 -29.95 -17.26
C PHE F 178 23.84 -31.10 -17.80
N VAL F 179 22.54 -31.06 -17.52
CA VAL F 179 21.61 -32.08 -17.96
C VAL F 179 21.26 -31.88 -19.43
N LYS F 180 20.67 -30.73 -19.73
CA LYS F 180 20.26 -30.40 -21.08
C LYS F 180 21.33 -30.63 -22.13
N ASN F 181 22.58 -30.73 -21.71
CA ASN F 181 23.65 -30.89 -22.69
C ASN F 181 24.71 -31.96 -22.45
N ASN F 182 24.31 -33.08 -21.86
CA ASN F 182 25.23 -34.18 -21.58
C ASN F 182 24.43 -35.47 -21.43
N THR F 183 23.14 -35.36 -21.67
CA THR F 183 22.24 -36.49 -21.53
C THR F 183 21.71 -36.96 -22.87
N LEU F 184 21.83 -38.26 -23.12
CA LEU F 184 21.36 -38.85 -24.38
C LEU F 184 19.95 -39.44 -24.24
N THR F 185 19.04 -38.90 -25.04
CA THR F 185 17.64 -39.34 -25.04
C THR F 185 17.19 -39.55 -26.49
N CYS F 186 18.04 -39.12 -27.42
CA CYS F 186 17.77 -39.25 -28.85
C CYS F 186 17.81 -40.72 -29.27
N TYR F 187 16.69 -41.20 -29.82
CA TYR F 187 16.61 -42.58 -30.28
C TYR F 187 17.56 -42.81 -31.47
N ASN F 188 18.74 -42.21 -31.38
CA ASN F 188 19.75 -42.32 -32.44
C ASN F 188 21.18 -42.30 -31.87
N GLY F 189 21.61 -41.12 -31.42
CA GLY F 189 22.94 -40.98 -30.87
C GLY F 189 23.26 -39.53 -30.52
N ILE F 190 22.46 -38.61 -31.05
CA ILE F 190 22.69 -37.19 -30.79
C ILE F 190 22.37 -36.84 -29.33
N ILE F 191 23.41 -36.60 -28.55
CA ILE F 191 23.28 -36.27 -27.13
C ILE F 191 22.43 -35.01 -26.94
N ALA F 192 22.29 -34.59 -25.69
CA ALA F 192 21.52 -33.41 -25.35
C ALA F 192 20.24 -33.28 -26.19
N ASP F 193 20.17 -32.22 -26.99
CA ASP F 193 18.99 -31.93 -27.82
C ASP F 193 18.62 -32.95 -28.89
N GLY F 194 19.47 -33.95 -29.09
CA GLY F 194 19.19 -34.97 -30.07
C GLY F 194 18.75 -34.47 -31.43
N CYS F 195 18.01 -35.32 -32.17
CA CYS F 195 17.53 -34.98 -33.51
C CYS F 195 16.13 -34.33 -33.54
N GLY F 196 15.39 -34.41 -32.42
CA GLY F 196 14.06 -33.83 -32.38
C GLY F 196 13.14 -34.37 -33.47
N GLU F 197 13.67 -35.32 -34.26
CA GLU F 197 12.94 -35.95 -35.35
C GLU F 197 12.44 -37.34 -34.96
N CYS F 198 12.70 -37.72 -33.71
CA CYS F 198 12.25 -39.02 -33.20
C CYS F 198 11.33 -38.78 -32.01
N PRO F 199 10.49 -39.78 -31.66
CA PRO F 199 9.55 -39.69 -30.54
C PRO F 199 10.19 -39.11 -29.26
N ALA F 200 11.38 -39.62 -28.92
CA ALA F 200 12.10 -39.21 -27.73
C ALA F 200 12.28 -37.70 -27.57
N CYS F 201 12.98 -37.07 -28.51
CA CYS F 201 13.22 -35.63 -28.45
C CYS F 201 11.98 -34.80 -28.73
N HIS F 202 11.02 -35.38 -29.46
CA HIS F 202 9.79 -34.66 -29.75
C HIS F 202 9.05 -34.45 -28.42
N LEU F 203 9.36 -35.33 -27.46
CA LEU F 203 8.79 -35.29 -26.10
C LEU F 203 9.70 -34.43 -25.21
N ARG F 204 11.00 -34.53 -25.46
CA ARG F 204 12.03 -33.79 -24.72
C ARG F 204 11.80 -32.30 -24.98
N SER F 205 11.69 -31.96 -26.27
CA SER F 205 11.49 -30.59 -26.71
C SER F 205 10.20 -29.97 -26.14
N LYS F 206 9.06 -30.57 -26.44
CA LYS F 206 7.79 -30.05 -25.94
C LYS F 206 7.85 -29.88 -24.43
N GLY F 207 8.36 -30.91 -23.75
CA GLY F 207 8.48 -30.85 -22.31
C GLY F 207 9.33 -29.68 -21.89
N TYR F 208 10.49 -29.53 -22.54
CA TYR F 208 11.43 -28.45 -22.25
C TYR F 208 10.80 -27.07 -22.41
N GLU F 209 9.97 -26.94 -23.44
CA GLU F 209 9.28 -25.69 -23.74
C GLU F 209 8.21 -25.39 -22.68
N GLU F 210 7.44 -26.41 -22.31
CA GLU F 210 6.39 -26.25 -21.30
C GLU F 210 7.01 -25.70 -20.01
N TYR F 211 8.28 -26.00 -19.80
CA TYR F 211 8.96 -25.49 -18.62
C TYR F 211 9.24 -24.02 -18.88
N MET F 212 9.70 -23.75 -20.10
CA MET F 212 10.03 -22.39 -20.54
C MET F 212 8.90 -21.41 -20.25
N VAL F 213 7.68 -21.74 -20.68
CA VAL F 213 6.51 -20.89 -20.46
C VAL F 213 6.18 -20.74 -18.97
N MET F 214 7.06 -21.26 -18.11
CA MET F 214 6.90 -21.20 -16.66
C MET F 214 8.12 -20.65 -15.94
N LYS F 215 9.23 -20.52 -16.67
CA LYS F 215 10.48 -20.02 -16.10
C LYS F 215 10.23 -18.69 -15.38
ZN ZN G . -24.99 51.76 9.09
MG MG H . -16.58 44.48 0.63
P PO4 I . -17.31 46.57 3.88
O1 PO4 I . -18.47 47.26 3.27
O2 PO4 I . -17.30 45.16 3.45
O3 PO4 I . -17.42 46.65 5.35
O4 PO4 I . -16.05 47.23 3.45
ZN ZN J . 6.53 -4.21 27.36
MG MG K . 4.56 -0.52 14.14
P PO4 L . 3.18 -1.44 17.65
O1 PO4 L . 4.43 -2.18 18.00
O2 PO4 L . 3.53 -0.21 16.90
O3 PO4 L . 2.46 -1.07 18.89
O4 PO4 L . 2.32 -2.30 16.80
ZN ZN M . 29.27 33.14 -10.97
MG MG N . 19.07 32.90 -1.91
P PO4 O . 20.51 34.25 -5.20
O1 PO4 O . 21.77 33.52 -4.95
O2 PO4 O . 20.80 35.49 -5.98
O3 PO4 O . 19.87 34.61 -3.91
O4 PO4 O . 19.58 33.39 -5.98
ZN ZN P . -26.44 3.39 -23.41
MG MG Q . -22.96 6.88 -10.51
P PO4 R . -22.49 4.62 -13.66
O1 PO4 R . -23.62 5.29 -14.35
O2 PO4 R . -22.41 3.20 -14.13
O3 PO4 R . -22.71 4.64 -12.20
O4 PO4 R . -21.22 5.32 -13.99
ZN ZN S . 4.38 -31.07 28.19
MG MG T . 0.98 -35.23 15.08
P PO4 U . 3.06 -33.94 18.10
O1 PO4 U . 2.33 -32.65 18.14
O2 PO4 U . 2.71 -34.67 16.86
O3 PO4 U . 2.67 -34.75 19.28
O4 PO4 U . 4.52 -33.68 18.11
ZN ZN V . 16.01 -37.21 -31.18
MG MG W . 16.88 -41.27 -17.78
P PO4 X . 14.86 -39.61 -21.33
O1 PO4 X . 14.67 -38.15 -21.60
O2 PO4 X . 15.76 -40.20 -22.35
O3 PO4 X . 13.53 -40.29 -21.40
O4 PO4 X . 15.44 -39.78 -19.97
#